data_1NSD
#
_entry.id   1NSD
#
_cell.length_a   88.900
_cell.length_b   88.900
_cell.length_c   222.800
_cell.angle_alpha   90.00
_cell.angle_beta   90.00
_cell.angle_gamma   120.00
#
_symmetry.space_group_name_H-M   'P 31 2 1'
#
loop_
_entity.id
_entity.type
_entity.pdbx_description
1 polymer NEURAMINIDASE
2 non-polymer 2-acetamido-2-deoxy-beta-D-glucopyranose
3 non-polymer 'CALCIUM ION'
4 non-polymer '2-DEOXY-2,3-DEHYDRO-N-ACETYL-NEURAMINIC ACID'
5 water water
#
_entity_poly.entity_id   1
_entity_poly.type   'polypeptide(L)'
_entity_poly.pdbx_seq_one_letter_code
;EPEWTYPRLSCQGSTFQKALLISPHRFGEARGNSAPLIIREPFIACGPKECKHFALTHYAAQPGGYYNGTREDRNKLRHL
ISVKLGKIPTVENSIFHMAAWSGSACHDGREWTYIGVDGPDSNALIKIKYGEAYTDTYHSYANNILRTQESACNCIGGDC
YLMITDGSASGISKCRFLKIREGRIIKEIFPTGRVEHTEECTCGFASNKTIECACRDNSYTAKRPFVKLNVETDTAEIRL
MCTETYLDTPRPDDGSITGPCESNGDKGRGGIKGGFVHQRMASKIGRWYSRTMSKTERMGMELYVRYDGDPWTDSDALAH
SGVMVSMKEPGWYSFGFEIKDKKCDVPCIGIEMVHDGGKKTWHSAATAIYCLMGSGQLLWDTVTGVDMAL
;
_entity_poly.pdbx_strand_id   A,B
#
loop_
_chem_comp.id
_chem_comp.type
_chem_comp.name
_chem_comp.formula
CA non-polymer 'CALCIUM ION' 'Ca 2'
DAN D-saccharide '2-DEOXY-2,3-DEHYDRO-N-ACETYL-NEURAMINIC ACID' 'C11 H17 N O8'
NAG D-saccharide, beta linking 2-acetamido-2-deoxy-beta-D-glucopyranose 'C8 H15 N O6'
#
# COMPACT_ATOMS: atom_id res chain seq x y z
N GLU A 1 -15.97 12.46 18.59
CA GLU A 1 -15.11 11.40 18.08
C GLU A 1 -13.81 11.51 18.91
N PRO A 2 -12.71 10.74 18.80
CA PRO A 2 -11.56 10.81 19.70
C PRO A 2 -10.88 12.16 19.69
N GLU A 3 -10.21 12.44 20.77
CA GLU A 3 -9.46 13.67 20.86
C GLU A 3 -8.18 13.52 20.05
N TRP A 4 -7.64 14.64 19.60
CA TRP A 4 -6.35 14.66 18.93
C TRP A 4 -5.33 14.42 20.03
N THR A 5 -4.28 13.72 19.67
CA THR A 5 -3.14 13.47 20.53
C THR A 5 -2.22 14.71 20.64
N TYR A 6 -1.65 14.91 21.83
CA TYR A 6 -0.68 15.96 22.11
C TYR A 6 0.44 15.25 22.86
N PRO A 7 1.69 15.72 22.88
CA PRO A 7 2.71 15.15 23.73
C PRO A 7 2.39 15.44 25.19
N ARG A 8 2.64 14.53 26.11
CA ARG A 8 2.38 14.75 27.53
C ARG A 8 3.73 14.66 28.25
N LEU A 9 3.75 14.93 29.55
CA LEU A 9 4.94 14.71 30.34
C LEU A 9 5.23 13.21 30.34
N SER A 10 6.51 12.87 30.36
CA SER A 10 6.91 11.48 30.37
C SER A 10 6.62 10.83 31.73
N CYS A 11 6.45 9.51 31.76
CA CYS A 11 6.21 8.78 33.00
C CYS A 11 7.47 8.82 33.87
N GLN A 12 7.39 8.58 35.17
CA GLN A 12 8.56 8.73 36.00
C GLN A 12 9.53 7.58 35.69
N GLY A 13 10.82 7.81 35.85
CA GLY A 13 11.86 6.81 35.59
C GLY A 13 13.19 7.54 35.35
N SER A 14 14.32 6.88 35.53
CA SER A 14 15.58 7.52 35.25
C SER A 14 16.57 6.62 34.53
N THR A 15 16.22 5.43 34.08
CA THR A 15 17.11 4.59 33.34
C THR A 15 16.25 3.83 32.34
N PHE A 16 16.91 3.32 31.30
CA PHE A 16 16.22 2.47 30.33
C PHE A 16 16.57 1.05 30.75
N GLN A 17 15.71 0.10 30.34
CA GLN A 17 15.93 -1.31 30.60
C GLN A 17 15.47 -2.07 29.36
N LYS A 18 15.93 -3.31 29.21
CA LYS A 18 15.56 -4.16 28.09
C LYS A 18 14.07 -4.49 28.22
N ALA A 19 13.37 -4.19 27.12
CA ALA A 19 11.96 -4.45 27.11
C ALA A 19 11.52 -5.70 26.33
N LEU A 20 11.93 -5.83 25.07
CA LEU A 20 11.31 -6.78 24.14
C LEU A 20 12.21 -6.93 22.93
N LEU A 21 12.27 -8.15 22.39
CA LEU A 21 13.06 -8.48 21.22
C LEU A 21 12.06 -9.12 20.26
N ILE A 22 11.97 -8.65 19.02
CA ILE A 22 11.14 -9.28 18.00
C ILE A 22 12.24 -9.84 17.06
N SER A 23 12.42 -11.14 17.03
CA SER A 23 13.47 -11.76 16.23
C SER A 23 12.84 -12.78 15.30
N PRO A 24 12.25 -12.35 14.17
CA PRO A 24 11.36 -13.18 13.36
C PRO A 24 12.16 -14.33 12.74
N HIS A 25 13.47 -14.18 12.55
CA HIS A 25 14.23 -15.22 11.88
C HIS A 25 14.69 -16.35 12.83
N ARG A 26 14.31 -16.27 14.12
CA ARG A 26 14.45 -17.40 15.05
C ARG A 26 13.54 -18.55 14.63
N PHE A 27 12.63 -18.28 13.70
CA PHE A 27 11.68 -19.22 13.17
C PHE A 27 11.86 -19.43 11.68
N GLY A 28 12.96 -18.98 11.05
CA GLY A 28 13.04 -19.04 9.61
C GLY A 28 13.85 -20.21 9.10
N GLU A 29 14.06 -21.24 9.93
CA GLU A 29 14.94 -22.35 9.59
C GLU A 29 14.34 -23.10 8.44
N ALA A 30 15.17 -23.66 7.59
CA ALA A 30 14.68 -24.44 6.49
C ALA A 30 13.90 -25.65 6.95
N ARG A 31 14.17 -26.24 8.12
CA ARG A 31 13.36 -27.34 8.63
C ARG A 31 12.13 -26.88 9.43
N GLY A 32 11.94 -25.56 9.60
CA GLY A 32 10.84 -25.06 10.41
C GLY A 32 9.62 -24.92 9.56
N ASN A 33 8.58 -24.33 10.12
CA ASN A 33 7.32 -24.23 9.39
C ASN A 33 6.78 -22.79 9.36
N SER A 34 7.62 -21.75 9.52
CA SER A 34 7.14 -20.38 9.60
C SER A 34 7.62 -19.59 8.40
N ALA A 35 6.96 -18.43 8.19
CA ALA A 35 7.29 -17.55 7.07
C ALA A 35 7.53 -16.11 7.54
N PRO A 36 8.57 -15.83 8.37
CA PRO A 36 9.01 -14.47 8.67
C PRO A 36 9.36 -13.73 7.38
N LEU A 37 8.90 -12.48 7.27
CA LEU A 37 9.19 -11.67 6.10
C LEU A 37 10.61 -11.10 6.11
N ILE A 38 11.25 -10.98 4.94
CA ILE A 38 12.55 -10.34 4.84
C ILE A 38 12.27 -8.83 4.81
N ILE A 39 13.00 -8.08 5.65
CA ILE A 39 12.71 -6.67 5.88
C ILE A 39 14.01 -5.93 6.23
N ARG A 40 13.95 -4.60 6.21
CA ARG A 40 14.96 -3.77 6.81
C ARG A 40 14.19 -2.49 7.16
N GLU A 41 14.85 -1.51 7.76
CA GLU A 41 14.27 -0.24 8.24
C GLU A 41 12.98 -0.46 9.08
N PRO A 42 13.01 -1.24 10.16
CA PRO A 42 11.89 -1.34 11.05
C PRO A 42 11.73 -0.05 11.87
N PHE A 43 10.53 0.29 12.29
CA PHE A 43 10.36 1.37 13.24
C PHE A 43 9.05 1.11 13.93
N ILE A 44 8.79 1.74 15.07
CA ILE A 44 7.52 1.51 15.78
C ILE A 44 6.84 2.86 15.95
N ALA A 45 5.52 2.93 15.96
CA ALA A 45 4.80 4.17 16.21
C ALA A 45 3.54 3.74 16.99
N CYS A 46 3.13 4.52 17.97
CA CYS A 46 2.01 4.16 18.82
C CYS A 46 0.89 5.17 18.75
N GLY A 47 -0.32 4.64 18.90
CA GLY A 47 -1.49 5.45 19.03
C GLY A 47 -1.88 5.39 20.50
N PRO A 48 -3.08 5.80 20.91
CA PRO A 48 -3.53 5.73 22.29
C PRO A 48 -3.62 4.36 22.92
N LYS A 49 -4.04 3.37 22.15
CA LYS A 49 -4.24 2.03 22.66
C LYS A 49 -3.24 1.02 22.13
N GLU A 50 -2.54 1.26 21.02
CA GLU A 50 -1.78 0.16 20.42
C GLU A 50 -0.58 0.73 19.73
N CYS A 51 0.44 -0.09 19.57
CA CYS A 51 1.59 0.27 18.77
C CYS A 51 1.66 -0.70 17.59
N LYS A 52 2.11 -0.21 16.45
CA LYS A 52 2.37 -0.99 15.26
C LYS A 52 3.88 -1.00 15.04
N HIS A 53 4.31 -2.13 14.53
CA HIS A 53 5.70 -2.38 14.24
C HIS A 53 5.75 -2.37 12.72
N PHE A 54 6.33 -1.31 12.13
CA PHE A 54 6.45 -1.21 10.69
C PHE A 54 7.85 -1.63 10.19
N ALA A 55 7.93 -1.97 8.90
CA ALA A 55 9.20 -2.23 8.24
C ALA A 55 8.97 -2.16 6.74
N LEU A 56 10.05 -2.12 5.97
CA LEU A 56 9.96 -2.20 4.52
C LEU A 56 10.40 -3.61 4.12
N THR A 57 9.45 -4.42 3.65
CA THR A 57 9.72 -5.78 3.26
C THR A 57 10.26 -5.86 1.83
N HIS A 58 11.03 -6.89 1.51
CA HIS A 58 11.42 -7.15 0.12
C HIS A 58 10.40 -8.12 -0.51
N TYR A 59 9.25 -8.37 0.16
CA TYR A 59 8.16 -9.19 -0.38
C TYR A 59 8.64 -10.62 -0.64
N ALA A 60 9.30 -11.17 0.37
CA ALA A 60 9.91 -12.48 0.28
C ALA A 60 9.99 -12.95 1.71
N ALA A 61 9.94 -14.28 1.91
CA ALA A 61 9.99 -14.91 3.23
C ALA A 61 11.22 -15.82 3.35
N GLN A 62 11.61 -16.17 4.57
CA GLN A 62 12.67 -17.11 4.88
C GLN A 62 11.95 -18.28 5.59
N PRO A 63 12.07 -19.55 5.18
CA PRO A 63 12.75 -19.99 3.95
C PRO A 63 12.02 -19.65 2.66
N GLY A 64 12.76 -19.47 1.58
CA GLY A 64 12.14 -19.13 0.34
C GLY A 64 13.18 -19.10 -0.76
N GLY A 65 12.79 -18.64 -1.92
CA GLY A 65 13.61 -18.66 -3.10
C GLY A 65 13.91 -17.28 -3.65
N TYR A 66 13.64 -16.18 -2.92
CA TYR A 66 13.85 -14.86 -3.47
C TYR A 66 14.85 -14.00 -2.69
N TYR A 67 15.92 -14.64 -2.20
CA TYR A 67 16.95 -13.94 -1.45
C TYR A 67 17.75 -13.01 -2.31
N ASN A 68 17.97 -13.37 -3.58
CA ASN A 68 18.81 -12.50 -4.41
C ASN A 68 18.19 -11.13 -4.58
N GLY A 69 18.92 -10.09 -4.23
CA GLY A 69 18.44 -8.73 -4.35
C GLY A 69 17.89 -8.20 -3.02
N THR A 70 17.91 -9.00 -1.95
CA THR A 70 17.35 -8.48 -0.71
C THR A 70 18.35 -7.63 0.05
N ARG A 71 19.52 -7.41 -0.56
CA ARG A 71 20.45 -6.53 0.08
C ARG A 71 20.40 -5.20 -0.67
N GLU A 72 19.49 -4.99 -1.62
CA GLU A 72 19.39 -3.72 -2.32
C GLU A 72 18.35 -2.86 -1.61
N ASP A 73 18.46 -1.55 -1.70
CA ASP A 73 17.54 -0.68 -1.00
C ASP A 73 16.26 -0.30 -1.73
N ARG A 74 16.28 -0.20 -3.07
CA ARG A 74 15.14 0.29 -3.80
C ARG A 74 14.89 -0.60 -5.02
N ASN A 75 13.62 -0.94 -5.21
CA ASN A 75 13.19 -1.72 -6.34
C ASN A 75 11.67 -1.67 -6.41
N LYS A 76 11.05 -2.36 -7.37
CA LYS A 76 9.61 -2.26 -7.58
C LYS A 76 8.76 -3.12 -6.68
N LEU A 77 9.37 -3.91 -5.81
CA LEU A 77 8.65 -4.84 -4.95
C LEU A 77 8.61 -4.44 -3.48
N ARG A 78 9.49 -3.57 -3.01
CA ARG A 78 9.44 -3.23 -1.58
C ARG A 78 8.11 -2.61 -1.22
N HIS A 79 7.59 -3.02 -0.05
CA HIS A 79 6.36 -2.51 0.49
C HIS A 79 6.48 -2.15 1.96
N LEU A 80 5.70 -1.18 2.39
CA LEU A 80 5.57 -0.85 3.79
C LEU A 80 4.54 -1.84 4.37
N ILE A 81 4.91 -2.52 5.46
CA ILE A 81 4.03 -3.46 6.12
C ILE A 81 3.98 -3.09 7.61
N SER A 82 3.07 -3.73 8.33
CA SER A 82 3.08 -3.65 9.78
C SER A 82 2.37 -4.84 10.40
N VAL A 83 2.63 -5.00 11.71
CA VAL A 83 1.91 -5.93 12.56
C VAL A 83 1.72 -5.19 13.85
N LYS A 84 0.86 -5.72 14.70
CA LYS A 84 0.68 -5.14 16.02
C LYS A 84 1.99 -5.39 16.75
N LEU A 85 2.50 -4.45 17.49
CA LEU A 85 3.76 -4.66 18.17
C LEU A 85 3.60 -5.85 19.12
N GLY A 86 4.52 -6.80 19.09
CA GLY A 86 4.41 -8.01 19.92
C GLY A 86 4.08 -9.26 19.11
N LYS A 87 3.61 -9.09 17.88
CA LYS A 87 3.40 -10.21 16.96
C LYS A 87 4.71 -10.26 16.14
N ILE A 88 4.85 -11.23 15.26
CA ILE A 88 6.13 -11.68 14.64
C ILE A 88 5.66 -11.41 13.21
N PRO A 89 6.33 -10.54 12.47
CA PRO A 89 5.89 -10.12 11.16
C PRO A 89 6.06 -11.26 10.16
N THR A 90 5.08 -12.15 10.04
CA THR A 90 5.16 -13.19 9.03
C THR A 90 4.26 -12.74 7.86
N VAL A 91 4.22 -13.59 6.83
CA VAL A 91 3.39 -13.42 5.64
C VAL A 91 1.92 -13.25 6.08
N GLU A 92 1.38 -14.10 6.94
CA GLU A 92 0.00 -13.97 7.34
C GLU A 92 -0.25 -12.99 8.44
N ASN A 93 0.65 -12.72 9.38
CA ASN A 93 0.37 -11.71 10.41
C ASN A 93 0.40 -10.28 9.89
N SER A 94 1.21 -10.02 8.87
CA SER A 94 1.39 -8.65 8.38
C SER A 94 0.26 -8.13 7.52
N ILE A 95 0.19 -6.81 7.44
CA ILE A 95 -0.72 -6.09 6.56
C ILE A 95 0.20 -5.31 5.60
N PHE A 96 -0.05 -5.35 4.29
CA PHE A 96 0.68 -4.63 3.27
C PHE A 96 -0.01 -3.30 3.03
N HIS A 97 0.63 -2.17 3.36
CA HIS A 97 -0.03 -0.87 3.25
C HIS A 97 0.06 -0.19 1.90
N MET A 98 1.25 -0.22 1.31
CA MET A 98 1.48 0.43 0.02
C MET A 98 2.88 0.08 -0.48
N ALA A 99 3.12 0.22 -1.81
CA ALA A 99 4.43 -0.02 -2.41
C ALA A 99 5.27 1.18 -1.96
N ALA A 100 6.44 0.84 -1.41
CA ALA A 100 7.31 1.86 -0.82
C ALA A 100 8.73 1.31 -0.61
N TRP A 101 9.76 2.09 -0.91
CA TRP A 101 11.11 1.72 -0.51
C TRP A 101 11.71 2.73 0.50
N SER A 102 10.87 3.64 1.04
CA SER A 102 11.20 4.52 2.15
C SER A 102 9.86 4.82 2.83
N GLY A 103 9.80 4.90 4.16
CA GLY A 103 8.55 5.03 4.85
C GLY A 103 8.59 5.80 6.16
N SER A 104 7.36 6.04 6.61
CA SER A 104 7.06 6.67 7.91
C SER A 104 5.59 6.39 8.17
N ALA A 105 5.11 6.61 9.40
CA ALA A 105 3.70 6.47 9.79
C ALA A 105 3.55 7.08 11.18
N CYS A 106 2.35 7.55 11.48
CA CYS A 106 2.04 8.06 12.80
C CYS A 106 0.55 8.11 13.02
N HIS A 107 0.16 8.18 14.27
CA HIS A 107 -1.25 8.23 14.61
C HIS A 107 -1.50 9.61 15.20
N ASP A 108 -2.58 10.23 14.80
CA ASP A 108 -2.92 11.55 15.30
C ASP A 108 -3.92 11.58 16.44
N GLY A 109 -4.36 10.42 16.93
CA GLY A 109 -5.33 10.30 18.02
C GLY A 109 -6.62 9.75 17.43
N ARG A 110 -6.81 9.94 16.14
CA ARG A 110 -7.98 9.46 15.44
C ARG A 110 -7.71 8.39 14.38
N GLU A 111 -6.65 8.51 13.59
CA GLU A 111 -6.40 7.58 12.49
C GLU A 111 -4.90 7.55 12.21
N TRP A 112 -4.45 6.50 11.52
CA TRP A 112 -3.07 6.31 11.10
C TRP A 112 -2.86 7.01 9.75
N THR A 113 -1.77 7.75 9.69
CA THR A 113 -1.22 8.28 8.46
C THR A 113 -0.05 7.37 8.08
N TYR A 114 -0.04 6.88 6.84
CA TYR A 114 1.02 6.03 6.32
C TYR A 114 1.68 6.78 5.16
N ILE A 115 3.02 6.77 5.18
CA ILE A 115 3.79 7.44 4.14
C ILE A 115 4.77 6.45 3.52
N GLY A 116 4.81 6.40 2.20
CA GLY A 116 5.75 5.54 1.53
C GLY A 116 6.29 6.28 0.32
N VAL A 117 7.50 5.99 -0.12
CA VAL A 117 8.08 6.70 -1.27
C VAL A 117 8.37 5.63 -2.29
N ASP A 118 8.09 5.85 -3.56
CA ASP A 118 8.59 4.93 -4.57
C ASP A 118 8.68 5.69 -5.87
N GLY A 119 8.94 5.00 -6.98
CA GLY A 119 9.14 5.64 -8.27
C GLY A 119 10.60 5.48 -8.66
N PRO A 120 11.00 5.89 -9.86
CA PRO A 120 12.41 5.84 -10.25
C PRO A 120 13.26 6.80 -9.41
N ASP A 121 14.55 6.47 -9.20
CA ASP A 121 15.49 7.29 -8.46
C ASP A 121 15.52 8.76 -8.87
N SER A 122 15.54 9.04 -10.16
CA SER A 122 15.55 10.44 -10.60
C SER A 122 14.22 11.13 -10.47
N ASN A 123 13.11 10.50 -10.08
CA ASN A 123 11.84 11.18 -10.01
C ASN A 123 10.87 10.40 -9.12
N ALA A 124 11.22 10.32 -7.85
CA ALA A 124 10.41 9.51 -6.96
C ALA A 124 9.24 10.29 -6.40
N LEU A 125 8.44 9.64 -5.58
CA LEU A 125 7.18 10.21 -5.16
C LEU A 125 6.82 9.84 -3.73
N ILE A 126 6.49 10.86 -2.96
CA ILE A 126 5.93 10.69 -1.62
C ILE A 126 4.44 10.34 -1.79
N LYS A 127 3.92 9.25 -1.18
CA LYS A 127 2.52 8.91 -1.25
C LYS A 127 1.99 8.84 0.19
N ILE A 128 0.80 9.41 0.40
CA ILE A 128 0.22 9.48 1.73
C ILE A 128 -1.12 8.79 1.72
N LYS A 129 -1.32 8.01 2.78
CA LYS A 129 -2.50 7.22 3.02
C LYS A 129 -3.03 7.64 4.40
N TYR A 130 -4.32 7.86 4.56
CA TYR A 130 -4.92 8.17 5.85
C TYR A 130 -5.90 7.02 6.05
N GLY A 131 -5.65 6.06 6.93
CA GLY A 131 -6.54 4.93 7.05
C GLY A 131 -6.42 4.08 5.81
N GLU A 132 -7.55 3.78 5.15
CA GLU A 132 -7.54 2.99 3.92
C GLU A 132 -7.32 3.78 2.65
N ALA A 133 -7.52 5.09 2.72
CA ALA A 133 -7.55 5.91 1.51
C ALA A 133 -6.25 6.58 1.14
N TYR A 134 -5.90 6.59 -0.15
CA TYR A 134 -4.73 7.26 -0.64
C TYR A 134 -5.19 8.71 -0.79
N THR A 135 -4.53 9.69 -0.18
CA THR A 135 -5.03 11.04 -0.14
C THR A 135 -4.17 12.14 -0.78
N ASP A 136 -2.86 11.95 -0.91
CA ASP A 136 -1.99 13.00 -1.46
C ASP A 136 -0.63 12.52 -1.88
N THR A 137 0.16 13.34 -2.58
CA THR A 137 1.48 12.93 -2.96
C THR A 137 2.37 14.18 -2.98
N TYR A 138 3.70 14.05 -3.08
CA TYR A 138 4.57 15.19 -3.13
C TYR A 138 5.67 14.80 -4.09
N HIS A 139 6.09 15.73 -4.92
CA HIS A 139 7.05 15.41 -5.98
C HIS A 139 8.50 15.60 -5.57
N SER A 140 9.38 14.95 -6.32
CA SER A 140 10.83 15.10 -6.17
C SER A 140 11.19 16.54 -6.58
N TYR A 141 12.00 17.20 -5.78
CA TYR A 141 12.42 18.57 -6.02
C TYR A 141 13.90 18.70 -6.33
N ALA A 142 14.68 17.66 -6.06
CA ALA A 142 16.09 17.67 -6.42
C ALA A 142 16.39 16.52 -7.36
N ASN A 143 15.41 15.65 -7.68
CA ASN A 143 15.54 14.54 -8.63
C ASN A 143 16.69 13.58 -8.42
N ASN A 144 16.86 13.28 -7.14
CA ASN A 144 17.89 12.38 -6.71
C ASN A 144 17.44 11.69 -5.43
N ILE A 145 16.61 10.66 -5.63
CA ILE A 145 16.11 9.78 -4.59
C ILE A 145 15.46 10.55 -3.43
N LEU A 146 14.28 11.10 -3.75
CA LEU A 146 13.39 11.67 -2.75
C LEU A 146 13.16 10.53 -1.73
N ARG A 147 13.19 10.85 -0.43
CA ARG A 147 13.17 9.82 0.62
C ARG A 147 12.74 10.40 1.96
N THR A 148 12.35 9.58 2.93
CA THR A 148 11.87 10.11 4.18
C THR A 148 12.51 9.47 5.40
N GLN A 149 11.84 9.51 6.55
CA GLN A 149 12.50 9.26 7.82
C GLN A 149 12.94 7.86 8.23
N GLU A 150 12.18 6.85 7.81
CA GLU A 150 12.32 5.48 8.31
C GLU A 150 12.03 5.42 9.80
N SER A 151 11.19 6.32 10.30
CA SER A 151 10.72 6.26 11.69
C SER A 151 9.47 7.09 11.77
N ALA A 152 8.79 7.05 12.91
CA ALA A 152 7.52 7.75 13.09
C ALA A 152 7.52 9.24 12.79
N CYS A 153 6.45 9.67 12.10
CA CYS A 153 6.16 11.10 12.01
C CYS A 153 5.52 11.51 13.35
N ASN A 154 5.25 12.79 13.54
CA ASN A 154 4.82 13.29 14.84
C ASN A 154 3.62 14.19 14.70
N CYS A 155 2.50 13.89 15.31
CA CYS A 155 1.29 14.66 15.28
C CYS A 155 0.96 15.38 16.59
N ILE A 156 0.45 16.62 16.48
CA ILE A 156 -0.02 17.39 17.63
C ILE A 156 -1.29 18.12 17.18
N GLY A 157 -2.41 17.85 17.86
CA GLY A 157 -3.67 18.52 17.55
C GLY A 157 -4.16 18.27 16.13
N GLY A 158 -3.76 17.16 15.54
CA GLY A 158 -4.24 16.81 14.20
C GLY A 158 -3.24 17.17 13.12
N ASP A 159 -2.25 17.96 13.45
CA ASP A 159 -1.20 18.31 12.48
C ASP A 159 0.00 17.39 12.62
N CYS A 160 0.26 16.58 11.60
CA CYS A 160 1.43 15.75 11.65
C CYS A 160 2.60 16.48 10.99
N TYR A 161 3.85 16.06 10.80
CA TYR A 161 5.07 16.81 10.61
C TYR A 161 6.01 15.66 10.25
N LEU A 162 6.52 15.77 9.03
CA LEU A 162 7.34 14.76 8.49
C LEU A 162 8.58 15.34 7.81
N MET A 163 9.79 14.80 7.99
CA MET A 163 10.98 15.24 7.25
C MET A 163 11.00 14.45 5.94
N ILE A 164 11.30 15.14 4.86
CA ILE A 164 11.57 14.47 3.59
C ILE A 164 12.89 15.08 3.10
N THR A 165 13.61 14.44 2.18
CA THR A 165 14.84 15.03 1.68
C THR A 165 15.04 14.51 0.27
N ASP A 166 15.88 15.20 -0.47
CA ASP A 166 16.10 14.83 -1.86
C ASP A 166 17.46 15.39 -2.21
N GLY A 167 18.25 14.65 -2.98
CA GLY A 167 19.55 15.12 -3.37
C GLY A 167 20.57 14.00 -3.20
N SER A 168 21.80 14.31 -3.55
CA SER A 168 22.86 13.36 -3.52
C SER A 168 23.27 12.84 -2.15
N ALA A 169 23.40 11.53 -2.07
CA ALA A 169 23.89 10.91 -0.86
C ALA A 169 25.35 11.27 -0.57
N SER A 170 26.10 11.80 -1.54
CA SER A 170 27.49 12.20 -1.33
C SER A 170 27.66 13.69 -1.46
N GLY A 171 26.60 14.47 -1.54
CA GLY A 171 26.69 15.91 -1.74
C GLY A 171 25.57 16.62 -1.01
N ILE A 172 24.91 17.57 -1.69
CA ILE A 172 23.87 18.31 -1.01
C ILE A 172 22.52 17.60 -1.07
N SER A 173 21.86 17.57 0.09
CA SER A 173 20.52 17.02 0.24
C SER A 173 19.84 17.91 1.26
N LYS A 174 19.12 18.91 0.78
CA LYS A 174 18.45 19.82 1.68
C LYS A 174 17.09 19.23 1.98
N CYS A 175 16.80 19.02 3.26
CA CYS A 175 15.49 18.51 3.60
C CYS A 175 14.42 19.60 3.64
N ARG A 176 13.15 19.16 3.69
CA ARG A 176 11.96 19.99 3.82
C ARG A 176 11.10 19.28 4.86
N PHE A 177 10.18 20.00 5.49
CA PHE A 177 9.21 19.36 6.36
C PHE A 177 7.83 19.53 5.77
N LEU A 178 7.00 18.47 5.82
CA LEU A 178 5.64 18.55 5.35
C LEU A 178 4.75 18.59 6.59
N LYS A 179 3.72 19.41 6.57
CA LYS A 179 2.76 19.52 7.63
C LYS A 179 1.52 18.89 7.01
N ILE A 180 1.03 17.82 7.60
CA ILE A 180 -0.01 17.01 6.98
C ILE A 180 -1.19 16.98 7.94
N ARG A 181 -2.41 17.11 7.47
CA ARG A 181 -3.56 17.04 8.33
C ARG A 181 -4.58 16.19 7.58
N GLU A 182 -5.06 15.13 8.22
CA GLU A 182 -6.00 14.18 7.64
C GLU A 182 -5.62 13.64 6.26
N GLY A 183 -4.33 13.31 6.22
CA GLY A 183 -3.74 12.81 5.00
C GLY A 183 -3.38 13.85 3.93
N ARG A 184 -3.60 15.16 4.11
CA ARG A 184 -3.29 16.08 3.02
C ARG A 184 -2.26 17.10 3.47
N ILE A 185 -1.33 17.41 2.57
CA ILE A 185 -0.21 18.31 2.86
C ILE A 185 -0.83 19.68 2.89
N ILE A 186 -0.77 20.33 4.05
CA ILE A 186 -1.28 21.67 4.18
C ILE A 186 -0.15 22.70 4.29
N LYS A 187 1.14 22.35 4.37
CA LYS A 187 2.18 23.36 4.44
C LYS A 187 3.51 22.69 4.17
N GLU A 188 4.41 23.37 3.47
CA GLU A 188 5.76 22.87 3.26
C GLU A 188 6.67 23.81 4.04
N ILE A 189 7.61 23.27 4.80
CA ILE A 189 8.47 24.08 5.66
C ILE A 189 9.90 23.91 5.18
N PHE A 190 10.50 25.03 4.77
CA PHE A 190 11.87 25.10 4.30
C PHE A 190 12.79 25.52 5.45
N PRO A 191 13.67 24.68 6.01
CA PRO A 191 14.57 25.04 7.10
C PRO A 191 15.62 26.07 6.71
N THR A 192 16.12 26.75 7.76
CA THR A 192 17.20 27.72 7.72
C THR A 192 18.41 27.09 8.46
N GLY A 193 19.57 27.72 8.32
CA GLY A 193 20.74 27.36 9.07
C GLY A 193 21.67 26.47 8.30
N ARG A 194 22.17 25.42 8.94
CA ARG A 194 23.14 24.52 8.34
C ARG A 194 22.28 23.53 7.55
N VAL A 195 22.01 23.77 6.27
CA VAL A 195 21.08 22.91 5.51
C VAL A 195 21.70 22.04 4.41
N GLU A 196 23.02 21.98 4.33
CA GLU A 196 23.72 21.29 3.23
C GLU A 196 23.36 19.80 3.10
N HIS A 197 23.14 19.09 4.23
CA HIS A 197 22.77 17.68 4.14
C HIS A 197 22.09 17.20 5.41
N THR A 198 20.82 16.82 5.26
CA THR A 198 20.02 16.30 6.36
C THR A 198 19.15 15.18 5.79
N GLU A 199 19.21 14.02 6.40
CA GLU A 199 18.39 12.91 5.99
C GLU A 199 18.14 12.00 7.19
N GLU A 200 17.18 11.10 7.04
CA GLU A 200 16.76 10.13 8.05
C GLU A 200 16.60 10.68 9.46
N CYS A 201 15.91 11.83 9.57
CA CYS A 201 15.74 12.47 10.85
C CYS A 201 14.88 11.58 11.76
N THR A 202 15.31 11.44 13.02
CA THR A 202 14.52 10.75 14.03
C THR A 202 13.98 11.94 14.82
N CYS A 203 12.65 12.18 14.80
CA CYS A 203 12.03 13.35 15.40
C CYS A 203 11.10 13.01 16.56
N GLY A 204 10.96 13.95 17.49
CA GLY A 204 10.07 13.78 18.62
C GLY A 204 9.75 15.13 19.23
N PHE A 205 8.75 15.21 20.09
CA PHE A 205 8.40 16.47 20.74
C PHE A 205 9.25 16.80 21.94
N ALA A 206 9.90 17.98 21.94
CA ALA A 206 10.54 18.45 23.16
C ALA A 206 9.53 19.14 24.07
N SER A 207 8.37 19.55 23.52
CA SER A 207 7.32 20.28 24.25
C SER A 207 6.17 20.43 23.25
N ASN A 208 5.08 21.06 23.63
CA ASN A 208 4.01 21.35 22.69
C ASN A 208 4.41 22.43 21.68
N LYS A 209 5.54 23.12 21.85
CA LYS A 209 5.93 24.16 20.91
C LYS A 209 7.02 23.70 19.95
N THR A 210 7.84 22.70 20.31
CA THR A 210 9.02 22.37 19.52
C THR A 210 9.13 20.88 19.19
N ILE A 211 9.40 20.56 17.93
CA ILE A 211 9.76 19.23 17.52
C ILE A 211 11.28 19.28 17.31
N GLU A 212 12.02 18.29 17.79
CA GLU A 212 13.46 18.23 17.56
C GLU A 212 13.79 16.94 16.83
N CYS A 213 14.84 16.96 16.00
CA CYS A 213 15.25 15.78 15.29
C CYS A 213 16.75 15.63 15.31
N ALA A 214 17.28 14.41 15.51
CA ALA A 214 18.68 14.11 15.34
C ALA A 214 18.70 13.37 14.01
N CYS A 215 19.45 13.89 13.03
CA CYS A 215 19.46 13.36 11.67
C CYS A 215 20.82 12.81 11.25
N ARG A 216 20.94 12.40 9.99
CA ARG A 216 22.14 11.81 9.42
C ARG A 216 22.69 12.72 8.34
N ASP A 217 24.02 12.92 8.35
CA ASP A 217 24.68 13.62 7.29
C ASP A 217 25.59 12.54 6.73
N ASN A 218 25.17 12.06 5.54
CA ASN A 218 25.88 11.03 4.80
C ASN A 218 27.11 11.49 4.05
N SER A 219 27.30 12.80 3.98
CA SER A 219 28.32 13.36 3.14
C SER A 219 29.47 14.09 3.85
N TYR A 220 29.11 15.02 4.74
CA TYR A 220 30.06 15.96 5.29
C TYR A 220 30.54 15.76 6.72
N THR A 221 29.79 15.11 7.62
CA THR A 221 30.18 15.06 9.01
C THR A 221 29.66 13.82 9.73
N ALA A 222 30.31 13.55 10.87
CA ALA A 222 29.95 12.52 11.82
C ALA A 222 29.15 13.11 13.01
N LYS A 223 29.09 14.45 13.08
CA LYS A 223 28.21 15.16 14.03
C LYS A 223 26.81 15.03 13.44
N ARG A 224 25.72 14.89 14.22
CA ARG A 224 24.38 14.77 13.61
C ARG A 224 23.72 16.13 13.40
N PRO A 225 23.16 16.48 12.21
CA PRO A 225 22.26 17.64 12.05
C PRO A 225 21.07 17.59 13.04
N PHE A 226 20.78 18.64 13.78
CA PHE A 226 19.81 18.64 14.84
C PHE A 226 18.87 19.76 14.48
N VAL A 227 17.65 19.36 14.23
CA VAL A 227 16.58 20.24 13.79
C VAL A 227 15.77 20.73 14.99
N LYS A 228 15.43 22.00 15.04
CA LYS A 228 14.47 22.51 16.00
C LYS A 228 13.38 23.10 15.13
N LEU A 229 12.15 22.62 15.27
CA LEU A 229 11.06 22.99 14.40
C LEU A 229 10.02 23.58 15.30
N ASN A 230 9.64 24.84 15.10
CA ASN A 230 8.62 25.52 15.92
C ASN A 230 7.29 25.25 15.27
N VAL A 231 6.46 24.55 16.03
CA VAL A 231 5.16 24.08 15.60
C VAL A 231 4.15 25.24 15.58
N GLU A 232 4.40 26.32 16.31
CA GLU A 232 3.46 27.44 16.33
C GLU A 232 3.68 28.38 15.15
N THR A 233 4.91 28.56 14.70
CA THR A 233 5.19 29.42 13.57
C THR A 233 5.45 28.63 12.29
N ASP A 234 5.51 27.27 12.39
CA ASP A 234 5.91 26.40 11.28
C ASP A 234 7.19 26.84 10.61
N THR A 235 8.23 27.01 11.44
CA THR A 235 9.53 27.42 10.94
C THR A 235 10.52 26.42 11.50
N ALA A 236 11.64 26.19 10.85
CA ALA A 236 12.65 25.28 11.35
C ALA A 236 14.05 25.79 11.09
N GLU A 237 14.96 25.44 11.99
CA GLU A 237 16.35 25.80 11.89
C GLU A 237 17.18 24.52 12.14
N ILE A 238 18.29 24.35 11.47
CA ILE A 238 19.13 23.15 11.60
C ILE A 238 20.54 23.59 11.95
N ARG A 239 21.23 22.96 12.91
CA ARG A 239 22.66 23.21 13.18
C ARG A 239 23.20 21.86 13.63
N LEU A 240 24.52 21.63 13.52
CA LEU A 240 25.13 20.39 13.95
C LEU A 240 25.12 20.26 15.45
N MET A 241 24.89 19.05 15.95
CA MET A 241 25.06 18.86 17.38
C MET A 241 26.49 19.21 17.73
N CYS A 242 26.73 20.02 18.77
CA CYS A 242 28.09 20.31 19.18
C CYS A 242 28.77 19.32 20.10
N THR A 243 28.11 18.31 20.70
CA THR A 243 28.77 17.38 21.64
C THR A 243 29.95 16.64 21.04
N GLU A 244 30.96 16.46 21.88
CA GLU A 244 32.13 15.69 21.48
C GLU A 244 31.81 14.20 21.30
N THR A 245 30.69 13.71 21.89
CA THR A 245 30.25 12.32 21.68
C THR A 245 29.52 12.20 20.33
N TYR A 246 30.25 12.19 19.20
CA TYR A 246 29.69 12.17 17.84
C TYR A 246 28.83 10.92 17.66
N LEU A 247 27.62 11.15 17.15
CA LEU A 247 26.67 10.04 17.16
C LEU A 247 26.55 9.26 15.86
N ASP A 248 27.18 9.72 14.79
CA ASP A 248 27.13 8.96 13.56
C ASP A 248 28.10 7.78 13.50
N THR A 249 27.93 6.91 12.49
CA THR A 249 28.86 5.87 12.17
C THR A 249 29.00 5.95 10.65
N PRO A 250 30.20 6.13 10.07
CA PRO A 250 31.47 6.24 10.79
C PRO A 250 31.71 7.55 11.51
N ARG A 251 32.69 7.55 12.42
CA ARG A 251 33.01 8.74 13.15
C ARG A 251 34.49 8.68 13.57
N PRO A 252 35.19 9.81 13.81
CA PRO A 252 36.51 9.86 14.45
C PRO A 252 36.40 9.66 15.97
N ASP A 253 37.49 9.69 16.74
CA ASP A 253 37.40 9.53 18.20
C ASP A 253 36.67 10.71 18.78
N ASP A 254 36.10 10.52 19.96
CA ASP A 254 35.30 11.57 20.55
C ASP A 254 36.15 12.77 20.87
N GLY A 255 35.58 13.95 20.74
CA GLY A 255 36.33 15.17 21.01
C GLY A 255 37.42 15.47 19.98
N SER A 256 37.72 14.63 18.97
CA SER A 256 38.80 14.94 18.03
C SER A 256 38.53 16.05 17.02
N ILE A 257 37.27 16.48 16.82
CA ILE A 257 37.01 17.55 15.87
C ILE A 257 37.18 18.86 16.62
N THR A 258 38.32 19.47 16.33
CA THR A 258 38.64 20.77 16.85
C THR A 258 37.99 21.87 16.02
N GLY A 259 37.72 22.94 16.75
CA GLY A 259 37.11 24.08 16.13
C GLY A 259 35.75 24.28 16.75
N PRO A 260 35.01 25.31 16.28
CA PRO A 260 33.63 25.63 16.68
C PRO A 260 32.65 24.49 16.41
N CYS A 261 31.48 24.57 17.04
CA CYS A 261 30.44 23.58 16.90
C CYS A 261 30.16 23.25 15.47
N GLU A 262 30.29 24.25 14.58
CA GLU A 262 30.04 24.01 13.17
C GLU A 262 31.09 23.24 12.38
N SER A 263 32.29 22.95 12.91
CA SER A 263 33.31 22.29 12.13
C SER A 263 32.87 20.88 11.80
N ASN A 264 32.97 20.51 10.54
CA ASN A 264 32.54 19.19 10.10
C ASN A 264 33.41 18.06 10.59
N GLY A 265 34.71 18.31 10.66
CA GLY A 265 35.63 17.31 11.11
C GLY A 265 35.84 16.22 10.09
N ASP A 266 36.36 15.15 10.64
CA ASP A 266 36.79 14.05 9.80
C ASP A 266 35.87 12.83 9.77
N LYS A 267 36.02 11.91 8.80
CA LYS A 267 35.24 10.70 8.59
C LYS A 267 33.74 10.95 8.50
N GLY A 268 33.44 12.03 7.77
CA GLY A 268 32.09 12.50 7.60
C GLY A 268 31.26 11.71 6.62
N ARG A 269 31.94 11.12 5.64
CA ARG A 269 31.29 10.35 4.59
C ARG A 269 30.71 9.04 5.14
N GLY A 270 29.48 8.71 4.74
CA GLY A 270 28.76 7.58 5.30
C GLY A 270 27.91 8.09 6.45
N GLY A 271 27.05 7.21 7.00
CA GLY A 271 26.20 7.56 8.13
C GLY A 271 25.33 6.36 8.50
N ILE A 272 24.52 6.62 9.51
CA ILE A 272 23.55 5.66 10.01
C ILE A 272 22.47 6.49 10.70
N LYS A 273 21.21 6.05 10.57
CA LYS A 273 20.07 6.65 11.28
C LYS A 273 20.25 6.37 12.77
N GLY A 274 20.13 7.37 13.63
CA GLY A 274 20.37 7.16 15.04
C GLY A 274 19.14 7.39 15.91
N GLY A 275 19.11 6.67 17.04
CA GLY A 275 18.03 6.79 18.01
C GLY A 275 18.11 8.12 18.76
N PHE A 276 16.95 8.60 19.16
CA PHE A 276 16.81 9.90 19.82
C PHE A 276 15.38 9.90 20.35
N VAL A 277 15.18 10.16 21.64
CA VAL A 277 13.82 10.25 22.23
C VAL A 277 13.95 11.23 23.41
N HIS A 278 12.83 11.88 23.72
CA HIS A 278 12.74 12.92 24.73
C HIS A 278 12.09 12.38 25.97
N GLN A 279 12.58 12.83 27.12
CA GLN A 279 11.99 12.55 28.43
C GLN A 279 11.59 13.93 28.92
N ARG A 280 10.33 14.27 28.83
CA ARG A 280 9.81 15.57 29.20
C ARG A 280 9.39 15.58 30.69
N MET A 281 10.12 16.30 31.52
CA MET A 281 9.76 16.42 32.92
C MET A 281 9.18 17.80 33.11
N ALA A 282 8.58 18.07 34.25
CA ALA A 282 7.97 19.37 34.52
C ALA A 282 8.90 20.58 34.35
N SER A 283 10.11 20.43 34.88
CA SER A 283 11.13 21.45 34.86
C SER A 283 12.31 21.16 33.92
N LYS A 284 12.45 19.92 33.40
CA LYS A 284 13.63 19.58 32.62
C LYS A 284 13.42 18.59 31.52
N ILE A 285 14.36 18.52 30.60
CA ILE A 285 14.24 17.71 29.41
C ILE A 285 15.43 16.79 29.28
N GLY A 286 15.17 15.50 29.16
CA GLY A 286 16.25 14.55 28.93
C GLY A 286 16.28 14.26 27.45
N ARG A 287 17.45 14.31 26.85
CA ARG A 287 17.59 13.88 25.48
C ARG A 287 18.42 12.60 25.52
N TRP A 288 17.79 11.48 25.09
CA TRP A 288 18.42 10.15 25.11
C TRP A 288 18.80 9.83 23.69
N TYR A 289 19.99 9.31 23.45
CA TYR A 289 20.49 9.02 22.11
C TYR A 289 21.14 7.66 22.07
N SER A 290 21.24 7.02 20.91
CA SER A 290 22.04 5.78 20.79
C SER A 290 23.10 5.89 19.70
N ARG A 291 24.22 5.17 19.81
CA ARG A 291 25.16 5.09 18.70
C ARG A 291 25.83 3.73 18.76
N THR A 292 26.39 3.29 17.64
CA THR A 292 27.08 2.01 17.64
C THR A 292 28.29 2.03 18.59
N MET A 293 28.63 0.82 19.02
CA MET A 293 29.80 0.65 19.85
C MET A 293 31.00 0.83 18.92
N SER A 294 31.00 0.25 17.72
CA SER A 294 32.13 0.46 16.84
C SER A 294 32.04 1.86 16.22
N LYS A 295 33.19 2.50 16.01
CA LYS A 295 33.24 3.80 15.34
C LYS A 295 33.07 3.71 13.84
N THR A 296 33.36 2.54 13.30
CA THR A 296 33.35 2.35 11.88
C THR A 296 32.37 1.32 11.36
N GLU A 297 31.97 0.36 12.20
CA GLU A 297 31.14 -0.74 11.76
C GLU A 297 29.78 -0.67 12.44
N ARG A 298 28.75 -1.28 11.87
CA ARG A 298 27.42 -1.32 12.48
C ARG A 298 27.35 -2.49 13.47
N MET A 299 28.11 -2.33 14.57
CA MET A 299 28.23 -3.35 15.61
C MET A 299 28.10 -2.69 16.96
N GLY A 300 27.24 -3.32 17.77
CA GLY A 300 26.95 -2.84 19.09
C GLY A 300 26.05 -1.62 19.10
N MET A 301 25.61 -1.21 20.28
CA MET A 301 24.74 -0.04 20.43
C MET A 301 24.75 0.33 21.91
N GLU A 302 25.03 1.59 22.16
CA GLU A 302 25.12 2.17 23.49
C GLU A 302 24.15 3.32 23.63
N LEU A 303 23.70 3.57 24.84
CA LEU A 303 22.69 4.58 25.20
C LEU A 303 23.40 5.74 25.86
N TYR A 304 22.99 6.98 25.60
CA TYR A 304 23.64 8.17 26.16
C TYR A 304 22.54 9.15 26.53
N VAL A 305 22.75 9.99 27.57
CA VAL A 305 21.76 10.97 27.95
C VAL A 305 22.42 12.31 28.25
N ARG A 306 21.68 13.40 28.07
CA ARG A 306 22.06 14.75 28.45
C ARG A 306 20.78 15.47 28.91
N TYR A 307 20.74 16.06 30.10
CA TYR A 307 19.57 16.80 30.51
C TYR A 307 19.86 18.27 30.20
N ASP A 308 18.86 18.87 29.60
CA ASP A 308 18.83 20.28 29.29
C ASP A 308 19.99 20.80 28.47
N GLY A 309 20.28 22.10 28.50
CA GLY A 309 21.34 22.64 27.66
C GLY A 309 20.84 22.92 26.25
N ASP A 310 21.75 23.27 25.34
CA ASP A 310 21.40 23.51 23.97
C ASP A 310 22.29 22.60 23.14
N PRO A 311 21.73 21.57 22.51
CA PRO A 311 22.52 20.65 21.69
C PRO A 311 23.32 21.37 20.60
N TRP A 312 22.97 22.57 20.16
CA TRP A 312 23.73 23.22 19.12
C TRP A 312 24.96 23.92 19.73
N THR A 313 24.96 24.30 21.00
CA THR A 313 26.10 25.00 21.58
C THR A 313 26.92 24.16 22.57
N ASP A 314 26.36 23.06 23.09
CA ASP A 314 27.06 22.30 24.12
C ASP A 314 28.05 21.28 23.66
N SER A 315 29.29 21.52 24.05
CA SER A 315 30.41 20.67 23.67
C SER A 315 30.61 19.48 24.59
N ASP A 316 29.94 19.50 25.72
CA ASP A 316 30.03 18.46 26.75
C ASP A 316 29.77 17.07 26.25
N ALA A 317 30.54 16.11 26.74
CA ALA A 317 30.32 14.71 26.45
C ALA A 317 28.97 14.26 26.97
N LEU A 318 28.27 13.45 26.19
CA LEU A 318 27.01 12.87 26.63
C LEU A 318 27.29 11.82 27.69
N ALA A 319 26.41 11.61 28.66
CA ALA A 319 26.65 10.62 29.70
C ALA A 319 26.27 9.23 29.20
N HIS A 320 27.28 8.34 29.16
CA HIS A 320 27.07 6.94 28.82
C HIS A 320 26.06 6.35 29.78
N SER A 321 24.99 5.80 29.22
CA SER A 321 23.96 5.17 30.00
C SER A 321 23.72 3.67 29.79
N GLY A 322 24.66 2.87 29.29
CA GLY A 322 24.52 1.41 29.28
C GLY A 322 24.70 0.86 27.88
N VAL A 323 25.14 -0.39 27.77
CA VAL A 323 25.33 -1.16 26.54
C VAL A 323 24.03 -1.93 26.24
N MET A 324 23.37 -1.57 25.15
CA MET A 324 22.16 -2.26 24.80
C MET A 324 22.48 -3.47 23.95
N VAL A 325 23.48 -3.36 23.06
CA VAL A 325 23.87 -4.44 22.15
C VAL A 325 25.40 -4.49 22.27
N SER A 326 26.00 -5.66 22.51
CA SER A 326 27.44 -5.79 22.65
C SER A 326 28.07 -5.67 21.28
N MET A 327 29.39 -5.50 21.26
CA MET A 327 30.10 -5.32 20.03
C MET A 327 30.06 -6.58 19.20
N LYS A 328 29.72 -7.73 19.79
CA LYS A 328 29.67 -8.95 19.04
C LYS A 328 28.40 -9.03 18.20
N GLU A 329 27.44 -8.15 18.39
CA GLU A 329 26.13 -8.31 17.78
C GLU A 329 25.88 -7.17 16.78
N PRO A 330 25.04 -7.27 15.74
CA PRO A 330 24.80 -6.18 14.78
C PRO A 330 24.03 -5.04 15.40
N GLY A 331 24.40 -3.80 15.12
CA GLY A 331 23.70 -2.63 15.61
C GLY A 331 23.55 -1.73 14.40
N TRP A 332 22.38 -1.70 13.75
CA TRP A 332 22.23 -0.89 12.55
C TRP A 332 21.30 0.28 12.87
N TYR A 333 20.17 0.50 12.23
CA TYR A 333 19.39 1.72 12.48
C TYR A 333 18.78 1.75 13.88
N SER A 334 18.61 2.91 14.50
CA SER A 334 17.95 2.95 15.79
C SER A 334 16.98 4.12 15.70
N PHE A 335 15.93 4.12 16.49
CA PHE A 335 14.88 5.13 16.34
C PHE A 335 14.23 5.34 17.70
N GLY A 336 13.63 6.49 17.91
CA GLY A 336 12.91 6.72 19.14
C GLY A 336 11.43 6.51 18.89
N PHE A 337 10.69 6.21 19.94
CA PHE A 337 9.24 6.24 19.84
C PHE A 337 8.68 6.31 21.26
N GLU A 338 7.41 6.63 21.44
CA GLU A 338 6.82 6.78 22.76
C GLU A 338 5.54 5.99 22.84
N ILE A 339 5.36 5.29 23.95
CA ILE A 339 4.19 4.48 24.22
C ILE A 339 3.32 5.32 25.15
N LYS A 340 2.02 5.29 24.90
CA LYS A 340 1.08 6.10 25.67
C LYS A 340 0.60 5.28 26.89
N ASP A 341 1.06 5.65 28.09
CA ASP A 341 0.45 5.06 29.29
C ASP A 341 -0.83 5.88 29.55
N LYS A 342 -1.57 5.62 30.63
CA LYS A 342 -2.82 6.27 30.96
C LYS A 342 -2.73 7.77 31.08
N LYS A 343 -1.73 8.25 31.81
CA LYS A 343 -1.60 9.67 32.09
C LYS A 343 -0.27 10.21 31.61
N CYS A 344 0.67 9.44 31.04
CA CYS A 344 1.98 9.93 30.71
C CYS A 344 2.57 9.09 29.58
N ASP A 345 3.62 9.62 28.93
CA ASP A 345 4.25 8.99 27.80
C ASP A 345 5.54 8.27 28.18
N VAL A 346 5.78 7.08 27.61
CA VAL A 346 6.93 6.27 27.96
C VAL A 346 7.87 6.31 26.77
N PRO A 347 9.04 6.94 26.90
CA PRO A 347 10.09 6.99 25.86
C PRO A 347 10.82 5.66 25.67
N CYS A 348 11.02 5.24 24.41
CA CYS A 348 11.73 4.02 24.11
C CYS A 348 12.66 4.26 22.91
N ILE A 349 13.67 3.41 22.78
CA ILE A 349 14.54 3.39 21.65
C ILE A 349 14.47 1.96 21.12
N GLY A 350 14.26 1.85 19.81
CA GLY A 350 14.26 0.56 19.16
C GLY A 350 15.54 0.44 18.32
N ILE A 351 16.09 -0.75 18.13
CA ILE A 351 17.35 -0.98 17.43
C ILE A 351 17.10 -2.03 16.36
N GLU A 352 17.49 -1.72 15.13
CA GLU A 352 17.46 -2.65 14.01
C GLU A 352 18.71 -3.48 14.14
N MET A 353 18.64 -4.83 14.18
CA MET A 353 19.79 -5.69 14.36
C MET A 353 19.79 -6.52 13.08
N VAL A 354 20.53 -6.11 12.06
CA VAL A 354 20.49 -6.79 10.78
C VAL A 354 21.29 -8.07 10.75
N HIS A 355 20.76 -9.13 10.10
CA HIS A 355 21.48 -10.38 9.90
C HIS A 355 22.09 -10.19 8.52
N ASP A 356 23.40 -9.98 8.51
CA ASP A 356 24.04 -9.71 7.26
C ASP A 356 25.01 -10.81 6.93
N GLY A 357 24.75 -11.47 5.81
CA GLY A 357 25.67 -12.49 5.35
C GLY A 357 26.16 -12.09 3.97
N GLY A 358 26.03 -10.82 3.59
CA GLY A 358 26.40 -10.40 2.25
C GLY A 358 25.31 -10.77 1.23
N LYS A 359 25.63 -10.48 -0.03
CA LYS A 359 24.65 -10.59 -1.11
C LYS A 359 24.34 -12.00 -1.56
N LYS A 360 25.12 -13.00 -1.12
CA LYS A 360 24.83 -14.34 -1.55
C LYS A 360 23.78 -15.06 -0.72
N THR A 361 23.19 -14.40 0.29
CA THR A 361 22.13 -15.02 1.08
C THR A 361 21.09 -13.95 1.44
N TRP A 362 20.06 -14.31 2.24
CA TRP A 362 19.01 -13.41 2.66
C TRP A 362 19.56 -12.32 3.60
N HIS A 363 18.93 -11.16 3.60
CA HIS A 363 19.37 -10.01 4.40
C HIS A 363 18.15 -9.53 5.15
N SER A 364 18.08 -9.53 6.47
CA SER A 364 16.86 -9.09 7.13
C SER A 364 17.23 -8.65 8.55
N ALA A 365 16.31 -8.42 9.50
CA ALA A 365 16.72 -7.83 10.76
C ALA A 365 15.76 -8.19 11.89
N ALA A 366 16.28 -8.15 13.10
CA ALA A 366 15.50 -8.27 14.30
C ALA A 366 15.34 -6.82 14.76
N THR A 367 14.45 -6.58 15.74
CA THR A 367 14.22 -5.28 16.33
C THR A 367 14.28 -5.53 17.82
N ALA A 368 15.13 -4.77 18.48
CA ALA A 368 15.25 -4.87 19.93
C ALA A 368 14.67 -3.58 20.48
N ILE A 369 13.99 -3.60 21.64
CA ILE A 369 13.39 -2.38 22.22
C ILE A 369 13.85 -2.19 23.67
N TYR A 370 14.25 -0.96 24.03
CA TYR A 370 14.59 -0.55 25.37
C TYR A 370 13.69 0.60 25.73
N CYS A 371 13.15 0.66 26.95
CA CYS A 371 12.32 1.78 27.30
C CYS A 371 12.72 2.26 28.68
N LEU A 372 12.44 3.55 28.94
CA LEU A 372 12.62 4.15 30.26
C LEU A 372 11.76 3.36 31.28
N MET A 373 12.34 2.78 32.33
CA MET A 373 11.54 2.17 33.39
C MET A 373 12.37 1.99 34.65
N GLY A 374 11.76 2.52 35.72
CA GLY A 374 12.33 2.47 37.05
C GLY A 374 13.61 3.32 37.15
N SER A 375 14.41 3.04 38.15
CA SER A 375 15.62 3.77 38.43
C SER A 375 16.81 2.81 38.38
N GLY A 376 18.03 3.29 38.62
CA GLY A 376 19.21 2.44 38.60
C GLY A 376 20.00 2.63 37.31
N GLN A 377 20.52 1.51 36.82
CA GLN A 377 21.37 1.45 35.64
C GLN A 377 20.76 0.40 34.72
N LEU A 378 21.09 0.48 33.43
CA LEU A 378 20.61 -0.49 32.46
C LEU A 378 21.32 -1.81 32.75
N LEU A 379 20.53 -2.87 32.83
CA LEU A 379 21.05 -4.16 33.24
C LEU A 379 21.42 -5.17 32.22
N TRP A 380 20.75 -5.37 31.08
CA TRP A 380 21.12 -6.49 30.21
C TRP A 380 21.05 -6.07 28.76
N ASP A 381 21.89 -6.75 28.00
CA ASP A 381 22.02 -6.52 26.57
C ASP A 381 21.16 -7.54 25.81
N THR A 382 21.05 -7.29 24.51
CA THR A 382 20.25 -8.09 23.60
C THR A 382 21.08 -8.81 22.53
N VAL A 383 20.78 -10.10 22.27
CA VAL A 383 21.40 -10.86 21.21
C VAL A 383 20.26 -11.32 20.31
N THR A 384 20.45 -11.52 19.00
CA THR A 384 19.31 -11.96 18.19
C THR A 384 19.06 -13.46 18.35
N GLY A 385 20.09 -14.23 18.69
CA GLY A 385 20.04 -15.68 18.81
C GLY A 385 19.95 -16.36 17.44
N VAL A 386 20.17 -15.67 16.31
CA VAL A 386 19.93 -16.27 15.00
C VAL A 386 21.20 -16.79 14.34
N ASP A 387 21.15 -18.05 13.90
CA ASP A 387 22.21 -18.63 13.12
C ASP A 387 21.75 -18.60 11.68
N MET A 388 22.43 -17.79 10.85
CA MET A 388 22.04 -17.58 9.45
C MET A 388 22.23 -18.80 8.59
N ALA A 389 22.94 -19.82 9.06
CA ALA A 389 23.08 -20.99 8.25
C ALA A 389 21.84 -21.89 8.30
N LEU A 390 20.95 -21.81 9.30
CA LEU A 390 19.83 -22.75 9.40
C LEU A 390 18.67 -22.46 8.45
N GLU B 1 -29.62 3.52 12.32
CA GLU B 1 -28.73 2.42 12.04
C GLU B 1 -27.56 3.16 11.38
N PRO B 2 -26.53 2.55 10.77
CA PRO B 2 -25.73 3.19 9.74
C PRO B 2 -26.64 3.65 8.60
N GLU B 3 -26.21 4.69 7.92
CA GLU B 3 -27.03 5.11 6.84
C GLU B 3 -26.46 4.56 5.55
N TRP B 4 -27.26 4.65 4.51
CA TRP B 4 -26.90 4.04 3.28
C TRP B 4 -25.82 4.86 2.61
N THR B 5 -24.99 4.17 1.87
CA THR B 5 -23.97 4.76 1.03
C THR B 5 -24.60 5.42 -0.19
N TYR B 6 -24.00 6.54 -0.63
CA TYR B 6 -24.31 7.22 -1.91
C TYR B 6 -22.98 7.55 -2.56
N PRO B 7 -22.81 7.66 -3.88
CA PRO B 7 -21.60 8.21 -4.45
C PRO B 7 -21.43 9.66 -4.03
N ARG B 8 -20.21 10.04 -3.68
CA ARG B 8 -19.86 11.42 -3.35
C ARG B 8 -18.92 11.97 -4.44
N LEU B 9 -18.58 13.27 -4.36
CA LEU B 9 -17.60 13.85 -5.29
C LEU B 9 -16.27 13.18 -4.99
N SER B 10 -15.49 12.97 -6.03
CA SER B 10 -14.20 12.30 -5.87
C SER B 10 -13.26 13.22 -5.13
N CYS B 11 -12.26 12.63 -4.48
CA CYS B 11 -11.21 13.39 -3.79
C CYS B 11 -10.38 14.16 -4.82
N GLN B 12 -9.70 15.23 -4.45
CA GLN B 12 -8.96 16.02 -5.41
C GLN B 12 -7.75 15.24 -5.91
N GLY B 13 -7.43 15.33 -7.20
CA GLY B 13 -6.22 14.74 -7.76
C GLY B 13 -6.31 14.72 -9.28
N SER B 14 -5.28 14.47 -10.06
CA SER B 14 -5.41 14.50 -11.50
C SER B 14 -4.58 13.43 -12.19
N THR B 15 -3.89 12.57 -11.44
CA THR B 15 -3.17 11.50 -12.08
C THR B 15 -3.34 10.28 -11.17
N PHE B 16 -3.10 9.09 -11.72
CA PHE B 16 -3.12 7.86 -10.94
C PHE B 16 -1.69 7.56 -10.59
N GLN B 17 -1.45 6.76 -9.54
CA GLN B 17 -0.11 6.38 -9.16
C GLN B 17 -0.19 4.98 -8.59
N LYS B 18 0.94 4.28 -8.62
CA LYS B 18 1.07 2.93 -8.06
C LYS B 18 0.82 2.95 -6.54
N ALA B 19 -0.17 2.14 -6.15
CA ALA B 19 -0.61 2.09 -4.79
C ALA B 19 -0.12 0.85 -4.09
N LEU B 20 -0.47 -0.33 -4.62
CA LEU B 20 -0.27 -1.56 -3.89
C LEU B 20 -0.26 -2.73 -4.85
N LEU B 21 0.64 -3.65 -4.55
CA LEU B 21 0.70 -4.94 -5.21
C LEU B 21 0.40 -6.06 -4.18
N ILE B 22 -0.56 -6.94 -4.46
CA ILE B 22 -0.80 -8.11 -3.65
C ILE B 22 -0.31 -9.27 -4.55
N SER B 23 0.86 -9.85 -4.22
CA SER B 23 1.40 -10.90 -5.06
C SER B 23 1.64 -12.16 -4.22
N PRO B 24 0.62 -13.03 -4.08
CA PRO B 24 0.56 -14.06 -3.06
C PRO B 24 1.58 -15.14 -3.37
N HIS B 25 1.84 -15.34 -4.67
CA HIS B 25 2.73 -16.41 -5.10
C HIS B 25 4.21 -16.04 -4.94
N ARG B 26 4.55 -14.82 -4.44
CA ARG B 26 5.92 -14.53 -4.03
C ARG B 26 6.27 -15.42 -2.82
N PHE B 27 5.25 -16.08 -2.22
CA PHE B 27 5.40 -16.93 -1.06
C PHE B 27 5.02 -18.39 -1.33
N GLY B 28 4.94 -18.81 -2.60
CA GLY B 28 4.44 -20.15 -2.91
C GLY B 28 5.50 -21.18 -3.33
N GLU B 29 6.76 -20.91 -3.07
CA GLU B 29 7.86 -21.77 -3.46
C GLU B 29 7.70 -23.09 -2.74
N ALA B 30 8.12 -24.14 -3.38
CA ALA B 30 8.05 -25.47 -2.80
C ALA B 30 8.85 -25.54 -1.50
N ARG B 31 9.92 -24.77 -1.36
CA ARG B 31 10.72 -24.80 -0.16
C ARG B 31 10.26 -23.80 0.89
N GLY B 32 9.19 -23.06 0.65
CA GLY B 32 8.73 -22.04 1.57
C GLY B 32 7.67 -22.68 2.44
N ASN B 33 7.05 -21.90 3.27
CA ASN B 33 6.14 -22.44 4.24
C ASN B 33 4.75 -21.81 4.17
N SER B 34 4.36 -21.22 3.03
CA SER B 34 3.08 -20.56 2.96
C SER B 34 2.06 -21.27 2.07
N ALA B 35 0.79 -20.85 2.12
CA ALA B 35 -0.26 -21.47 1.33
C ALA B 35 -1.16 -20.43 0.64
N PRO B 36 -0.61 -19.66 -0.34
CA PRO B 36 -1.42 -18.76 -1.17
C PRO B 36 -2.44 -19.60 -1.95
N LEU B 37 -3.68 -19.16 -1.96
CA LEU B 37 -4.71 -19.85 -2.74
C LEU B 37 -4.55 -19.57 -4.24
N ILE B 38 -4.86 -20.57 -5.07
CA ILE B 38 -4.91 -20.48 -6.50
C ILE B 38 -6.28 -19.87 -6.83
N ILE B 39 -6.21 -18.74 -7.51
CA ILE B 39 -7.34 -17.86 -7.83
C ILE B 39 -7.24 -17.30 -9.24
N ARG B 40 -8.37 -16.80 -9.70
CA ARG B 40 -8.44 -15.90 -10.84
C ARG B 40 -9.69 -15.03 -10.59
N GLU B 41 -9.89 -14.04 -11.46
CA GLU B 41 -10.92 -13.03 -11.38
C GLU B 41 -10.97 -12.30 -10.03
N PRO B 42 -9.85 -11.74 -9.54
CA PRO B 42 -9.86 -10.88 -8.37
C PRO B 42 -10.64 -9.61 -8.62
N PHE B 43 -11.26 -9.03 -7.59
CA PHE B 43 -11.78 -7.68 -7.67
C PHE B 43 -11.84 -7.16 -6.23
N ILE B 44 -11.97 -5.85 -6.07
CA ILE B 44 -11.97 -5.22 -4.77
C ILE B 44 -13.26 -4.45 -4.66
N ALA B 45 -13.85 -4.46 -3.47
CA ALA B 45 -15.06 -3.65 -3.23
C ALA B 45 -14.86 -3.09 -1.82
N CYS B 46 -15.28 -1.85 -1.61
CA CYS B 46 -15.10 -1.20 -0.31
C CYS B 46 -16.41 -0.72 0.30
N GLY B 47 -16.43 -0.79 1.61
CA GLY B 47 -17.51 -0.21 2.38
C GLY B 47 -16.91 1.05 3.00
N PRO B 48 -17.56 1.72 3.94
CA PRO B 48 -17.10 2.98 4.51
C PRO B 48 -15.78 2.86 5.27
N LYS B 49 -15.52 1.72 5.90
CA LYS B 49 -14.37 1.55 6.79
C LYS B 49 -13.30 0.68 6.17
N GLU B 50 -13.62 -0.32 5.35
CA GLU B 50 -12.57 -1.21 4.88
C GLU B 50 -12.97 -1.67 3.50
N CYS B 51 -11.96 -2.21 2.85
CA CYS B 51 -12.13 -2.77 1.54
C CYS B 51 -11.90 -4.27 1.65
N LYS B 52 -12.53 -5.06 0.78
CA LYS B 52 -12.28 -6.49 0.72
C LYS B 52 -11.79 -6.82 -0.69
N HIS B 53 -10.85 -7.74 -0.75
CA HIS B 53 -10.27 -8.21 -1.98
C HIS B 53 -10.84 -9.62 -2.12
N PHE B 54 -11.65 -9.71 -3.16
CA PHE B 54 -12.35 -10.94 -3.50
C PHE B 54 -11.65 -11.68 -4.62
N ALA B 55 -11.89 -12.97 -4.78
CA ALA B 55 -11.37 -13.75 -5.93
C ALA B 55 -12.14 -15.05 -6.06
N LEU B 56 -12.11 -15.76 -7.21
CA LEU B 56 -12.73 -17.06 -7.30
C LEU B 56 -11.59 -18.06 -7.19
N THR B 57 -11.57 -18.82 -6.11
CA THR B 57 -10.51 -19.79 -5.92
C THR B 57 -10.89 -21.10 -6.54
N HIS B 58 -9.85 -21.88 -6.86
CA HIS B 58 -9.99 -23.25 -7.34
C HIS B 58 -9.88 -24.21 -6.16
N TYR B 59 -9.88 -23.67 -4.92
CA TYR B 59 -9.91 -24.46 -3.69
C TYR B 59 -8.66 -25.34 -3.63
N ALA B 60 -7.54 -24.64 -3.85
CA ALA B 60 -6.23 -25.27 -3.90
C ALA B 60 -5.17 -24.23 -3.57
N ALA B 61 -4.06 -24.67 -2.96
CA ALA B 61 -2.95 -23.79 -2.64
C ALA B 61 -1.66 -24.15 -3.39
N GLN B 62 -0.68 -23.25 -3.39
CA GLN B 62 0.63 -23.52 -3.97
C GLN B 62 1.59 -23.40 -2.77
N PRO B 63 2.49 -24.34 -2.45
CA PRO B 63 2.66 -25.61 -3.17
C PRO B 63 1.51 -26.58 -2.87
N GLY B 64 1.18 -27.51 -3.76
CA GLY B 64 0.06 -28.38 -3.47
C GLY B 64 -0.03 -29.46 -4.54
N GLY B 65 -1.02 -30.35 -4.51
CA GLY B 65 -1.10 -31.46 -5.44
C GLY B 65 -2.35 -31.33 -6.31
N TYR B 66 -3.07 -30.23 -6.32
CA TYR B 66 -4.28 -30.11 -7.11
C TYR B 66 -4.16 -29.06 -8.23
N TYR B 67 -3.02 -29.00 -8.91
CA TYR B 67 -2.85 -27.98 -9.95
C TYR B 67 -3.63 -28.29 -11.22
N ASN B 68 -3.94 -29.56 -11.47
CA ASN B 68 -4.70 -29.94 -12.65
C ASN B 68 -6.10 -29.35 -12.59
N GLY B 69 -6.50 -28.74 -13.71
CA GLY B 69 -7.82 -28.15 -13.80
C GLY B 69 -7.83 -26.71 -13.29
N THR B 70 -6.77 -26.11 -12.75
CA THR B 70 -6.86 -24.72 -12.30
C THR B 70 -6.83 -23.75 -13.48
N ARG B 71 -6.68 -24.20 -14.74
CA ARG B 71 -6.87 -23.32 -15.87
C ARG B 71 -8.29 -23.48 -16.42
N GLU B 72 -9.23 -24.21 -15.80
CA GLU B 72 -10.59 -24.29 -16.31
C GLU B 72 -11.32 -23.14 -15.64
N ASP B 73 -12.42 -22.71 -16.23
CA ASP B 73 -13.15 -21.61 -15.65
C ASP B 73 -14.26 -22.06 -14.70
N ARG B 74 -14.93 -23.17 -14.97
CA ARG B 74 -16.08 -23.50 -14.15
C ARG B 74 -15.97 -24.97 -13.74
N ASN B 75 -16.30 -25.25 -12.49
CA ASN B 75 -16.33 -26.60 -11.94
C ASN B 75 -17.05 -26.52 -10.59
N LYS B 76 -17.21 -27.68 -9.97
CA LYS B 76 -17.92 -27.84 -8.70
C LYS B 76 -17.17 -27.41 -7.43
N LEU B 77 -15.93 -27.00 -7.56
CA LEU B 77 -15.05 -26.63 -6.46
C LEU B 77 -14.82 -25.15 -6.32
N ARG B 78 -14.84 -24.37 -7.41
CA ARG B 78 -14.63 -22.92 -7.31
C ARG B 78 -15.56 -22.24 -6.28
N HIS B 79 -14.93 -21.37 -5.50
CA HIS B 79 -15.60 -20.60 -4.43
C HIS B 79 -15.17 -19.14 -4.46
N LEU B 80 -16.10 -18.27 -4.12
CA LEU B 80 -15.84 -16.86 -3.91
C LEU B 80 -15.28 -16.78 -2.49
N ILE B 81 -14.11 -16.18 -2.39
CA ILE B 81 -13.40 -15.99 -1.14
C ILE B 81 -13.07 -14.51 -0.96
N SER B 82 -12.72 -14.06 0.26
CA SER B 82 -12.17 -12.71 0.41
C SER B 82 -11.16 -12.66 1.56
N VAL B 83 -10.34 -11.62 1.55
CA VAL B 83 -9.50 -11.22 2.66
C VAL B 83 -9.70 -9.72 2.75
N LYS B 84 -9.39 -9.12 3.89
CA LYS B 84 -9.36 -7.68 4.03
C LYS B 84 -8.26 -7.22 3.06
N LEU B 85 -8.47 -6.17 2.24
CA LEU B 85 -7.42 -5.68 1.33
C LEU B 85 -6.14 -5.35 2.10
N GLY B 86 -5.00 -5.85 1.65
CA GLY B 86 -3.79 -5.64 2.40
C GLY B 86 -3.26 -6.94 2.98
N LYS B 87 -4.13 -7.92 3.15
CA LYS B 87 -3.72 -9.23 3.61
C LYS B 87 -3.41 -10.10 2.41
N ILE B 88 -2.49 -11.05 2.58
CA ILE B 88 -2.23 -12.05 1.54
C ILE B 88 -3.33 -13.13 1.60
N PRO B 89 -4.06 -13.48 0.50
CA PRO B 89 -5.12 -14.48 0.51
C PRO B 89 -4.58 -15.90 0.57
N THR B 90 -4.33 -16.39 1.78
CA THR B 90 -3.86 -17.73 2.03
C THR B 90 -5.05 -18.55 2.50
N VAL B 91 -4.84 -19.86 2.68
CA VAL B 91 -5.83 -20.80 3.20
C VAL B 91 -6.36 -20.27 4.53
N GLU B 92 -5.52 -19.82 5.45
CA GLU B 92 -6.03 -19.35 6.74
C GLU B 92 -6.53 -17.93 6.79
N ASN B 93 -6.00 -17.04 5.93
CA ASN B 93 -6.48 -15.65 5.98
C ASN B 93 -7.86 -15.44 5.36
N SER B 94 -8.15 -16.30 4.39
CA SER B 94 -9.36 -16.16 3.62
C SER B 94 -10.63 -16.65 4.29
N ILE B 95 -11.75 -16.09 3.81
CA ILE B 95 -13.12 -16.45 4.22
C ILE B 95 -13.74 -17.05 2.97
N PHE B 96 -14.44 -18.17 3.07
CA PHE B 96 -15.07 -18.76 1.93
C PHE B 96 -16.54 -18.43 2.05
N HIS B 97 -16.99 -17.61 1.08
CA HIS B 97 -18.34 -17.07 1.13
C HIS B 97 -19.41 -18.01 0.58
N MET B 98 -19.15 -18.66 -0.55
CA MET B 98 -20.14 -19.52 -1.19
C MET B 98 -19.51 -20.19 -2.40
N ALA B 99 -20.10 -21.30 -2.82
CA ALA B 99 -19.67 -22.00 -4.01
C ALA B 99 -20.03 -21.14 -5.20
N ALA B 100 -19.11 -20.85 -6.13
CA ALA B 100 -19.39 -19.95 -7.25
C ALA B 100 -18.26 -20.01 -8.28
N TRP B 101 -18.58 -19.94 -9.60
CA TRP B 101 -17.56 -19.82 -10.62
C TRP B 101 -17.70 -18.51 -11.40
N SER B 102 -18.55 -17.60 -10.91
CA SER B 102 -18.65 -16.22 -11.40
C SER B 102 -19.13 -15.42 -10.17
N GLY B 103 -18.63 -14.22 -9.93
CA GLY B 103 -19.00 -13.49 -8.72
C GLY B 103 -19.04 -11.97 -8.80
N SER B 104 -19.58 -11.41 -7.70
CA SER B 104 -19.63 -9.98 -7.51
C SER B 104 -19.90 -9.74 -6.03
N ALA B 105 -19.75 -8.50 -5.55
CA ALA B 105 -20.09 -8.16 -4.17
C ALA B 105 -20.06 -6.65 -4.03
N CYS B 106 -20.76 -6.14 -3.04
CA CYS B 106 -20.74 -4.72 -2.81
C CYS B 106 -21.36 -4.47 -1.45
N HIS B 107 -21.01 -3.32 -0.89
CA HIS B 107 -21.49 -2.92 0.42
C HIS B 107 -22.46 -1.77 0.24
N ASP B 108 -23.59 -1.81 0.95
CA ASP B 108 -24.59 -0.76 0.78
C ASP B 108 -24.57 0.32 1.88
N GLY B 109 -23.61 0.20 2.80
CA GLY B 109 -23.51 1.11 3.91
C GLY B 109 -23.83 0.44 5.24
N ARG B 110 -24.65 -0.60 5.21
CA ARG B 110 -25.03 -1.37 6.39
C ARG B 110 -24.50 -2.77 6.29
N GLU B 111 -24.47 -3.47 5.16
CA GLU B 111 -24.01 -4.86 5.08
C GLU B 111 -23.51 -5.15 3.66
N TRP B 112 -22.69 -6.19 3.59
CA TRP B 112 -22.16 -6.78 2.39
C TRP B 112 -23.20 -7.65 1.68
N THR B 113 -23.37 -7.46 0.37
CA THR B 113 -24.11 -8.39 -0.47
C THR B 113 -23.04 -9.16 -1.26
N TYR B 114 -23.11 -10.48 -1.27
CA TYR B 114 -22.19 -11.31 -2.01
C TYR B 114 -23.01 -12.04 -3.07
N ILE B 115 -22.45 -12.14 -4.26
CA ILE B 115 -23.18 -12.71 -5.37
C ILE B 115 -22.31 -13.82 -5.97
N GLY B 116 -22.83 -15.04 -6.24
CA GLY B 116 -22.03 -16.08 -6.89
C GLY B 116 -22.91 -16.90 -7.84
N VAL B 117 -22.37 -17.43 -8.94
CA VAL B 117 -23.14 -18.19 -9.90
C VAL B 117 -22.55 -19.59 -9.90
N ASP B 118 -23.34 -20.62 -9.70
CA ASP B 118 -22.80 -21.94 -9.98
C ASP B 118 -23.93 -22.80 -10.53
N GLY B 119 -23.74 -24.11 -10.69
CA GLY B 119 -24.75 -24.90 -11.38
C GLY B 119 -24.24 -25.34 -12.77
N PRO B 120 -24.94 -26.26 -13.45
CA PRO B 120 -24.59 -26.70 -14.79
C PRO B 120 -24.59 -25.54 -15.78
N ASP B 121 -23.81 -25.65 -16.84
CA ASP B 121 -23.75 -24.60 -17.85
C ASP B 121 -25.08 -24.28 -18.49
N SER B 122 -25.92 -25.30 -18.66
CA SER B 122 -27.22 -25.12 -19.28
C SER B 122 -28.28 -24.59 -18.34
N ASN B 123 -27.97 -24.50 -17.06
CA ASN B 123 -28.97 -24.12 -16.10
C ASN B 123 -28.33 -23.53 -14.86
N ALA B 124 -27.51 -22.50 -15.01
CA ALA B 124 -26.86 -21.97 -13.86
C ALA B 124 -27.81 -21.08 -13.04
N LEU B 125 -27.28 -20.66 -11.91
CA LEU B 125 -28.09 -19.97 -10.93
C LEU B 125 -27.31 -18.85 -10.24
N ILE B 126 -27.87 -17.63 -10.26
CA ILE B 126 -27.35 -16.49 -9.46
C ILE B 126 -27.76 -16.76 -7.98
N LYS B 127 -26.87 -16.73 -6.98
CA LYS B 127 -27.20 -16.89 -5.56
C LYS B 127 -26.77 -15.60 -4.89
N ILE B 128 -27.64 -15.01 -4.07
CA ILE B 128 -27.33 -13.78 -3.35
C ILE B 128 -27.32 -14.08 -1.87
N LYS B 129 -26.33 -13.50 -1.20
CA LYS B 129 -26.16 -13.64 0.23
C LYS B 129 -26.07 -12.21 0.80
N TYR B 130 -26.70 -11.95 1.94
CA TYR B 130 -26.64 -10.65 2.60
C TYR B 130 -26.07 -10.95 3.98
N GLY B 131 -24.83 -10.52 4.17
CA GLY B 131 -24.07 -10.89 5.36
C GLY B 131 -23.90 -12.41 5.37
N GLU B 132 -24.39 -13.03 6.45
CA GLU B 132 -24.33 -14.48 6.58
C GLU B 132 -25.50 -15.21 5.91
N ALA B 133 -26.62 -14.54 5.67
CA ALA B 133 -27.80 -15.26 5.23
C ALA B 133 -27.88 -15.38 3.72
N TYR B 134 -28.25 -16.58 3.22
CA TYR B 134 -28.55 -16.78 1.79
C TYR B 134 -29.99 -16.28 1.64
N THR B 135 -30.26 -15.33 0.74
CA THR B 135 -31.55 -14.66 0.66
C THR B 135 -32.33 -14.80 -0.63
N ASP B 136 -31.69 -15.05 -1.78
CA ASP B 136 -32.48 -15.12 -3.01
C ASP B 136 -31.67 -15.72 -4.15
N THR B 137 -32.33 -16.13 -5.25
CA THR B 137 -31.67 -16.66 -6.42
C THR B 137 -32.32 -16.13 -7.71
N TYR B 138 -31.66 -16.31 -8.84
CA TYR B 138 -32.22 -15.91 -10.11
C TYR B 138 -31.74 -16.99 -11.06
N HIS B 139 -32.65 -17.43 -11.91
CA HIS B 139 -32.40 -18.52 -12.83
C HIS B 139 -31.89 -18.10 -14.22
N SER B 140 -31.25 -19.05 -14.89
CA SER B 140 -30.80 -18.89 -16.27
C SER B 140 -31.97 -18.61 -17.22
N TYR B 141 -31.90 -17.57 -18.05
CA TYR B 141 -32.98 -17.24 -19.00
C TYR B 141 -32.64 -17.62 -20.42
N ALA B 142 -31.39 -17.92 -20.74
CA ALA B 142 -31.04 -18.29 -22.07
C ALA B 142 -30.30 -19.64 -22.05
N ASN B 143 -30.17 -20.27 -20.88
CA ASN B 143 -29.57 -21.58 -20.72
C ASN B 143 -28.21 -21.73 -21.34
N ASN B 144 -27.33 -20.74 -21.19
CA ASN B 144 -26.00 -20.88 -21.72
C ASN B 144 -25.03 -20.01 -20.94
N ILE B 145 -24.63 -20.64 -19.84
CA ILE B 145 -23.69 -20.09 -18.83
C ILE B 145 -24.08 -18.69 -18.36
N LEU B 146 -25.11 -18.68 -17.51
CA LEU B 146 -25.54 -17.48 -16.80
C LEU B 146 -24.31 -16.99 -16.05
N ARG B 147 -24.03 -15.70 -16.03
CA ARG B 147 -22.77 -15.26 -15.43
C ARG B 147 -22.90 -13.81 -15.06
N THR B 148 -21.94 -13.25 -14.33
CA THR B 148 -22.06 -11.88 -13.91
C THR B 148 -20.74 -11.13 -14.10
N GLN B 149 -20.58 -10.05 -13.34
CA GLN B 149 -19.55 -9.07 -13.57
C GLN B 149 -18.09 -9.38 -13.37
N GLU B 150 -17.74 -10.14 -12.32
CA GLU B 150 -16.37 -10.35 -11.83
C GLU B 150 -15.78 -9.03 -11.29
N SER B 151 -16.67 -8.13 -10.81
CA SER B 151 -16.24 -6.89 -10.18
C SER B 151 -17.37 -6.35 -9.32
N ALA B 152 -17.15 -5.30 -8.54
CA ALA B 152 -18.17 -4.82 -7.64
C ALA B 152 -19.49 -4.39 -8.23
N CYS B 153 -20.57 -4.80 -7.55
CA CYS B 153 -21.89 -4.24 -7.84
C CYS B 153 -22.00 -2.87 -7.16
N ASN B 154 -23.10 -2.14 -7.27
CA ASN B 154 -23.11 -0.73 -6.89
C ASN B 154 -24.36 -0.39 -6.18
N CYS B 155 -24.25 0.21 -5.01
CA CYS B 155 -25.43 0.50 -4.20
C CYS B 155 -25.62 1.99 -3.97
N ILE B 156 -26.87 2.43 -3.97
CA ILE B 156 -27.22 3.82 -3.75
C ILE B 156 -28.51 3.82 -2.95
N GLY B 157 -28.47 4.43 -1.77
CA GLY B 157 -29.67 4.50 -0.93
C GLY B 157 -30.25 3.15 -0.56
N GLY B 158 -29.44 2.09 -0.55
CA GLY B 158 -29.96 0.76 -0.22
C GLY B 158 -30.27 -0.12 -1.40
N ASP B 159 -30.31 0.44 -2.61
CA ASP B 159 -30.58 -0.37 -3.78
C ASP B 159 -29.30 -0.64 -4.54
N CYS B 160 -28.98 -1.92 -4.69
CA CYS B 160 -27.78 -2.36 -5.38
C CYS B 160 -28.12 -2.88 -6.77
N TYR B 161 -27.31 -2.52 -7.77
CA TYR B 161 -27.54 -2.89 -9.16
C TYR B 161 -26.41 -3.83 -9.58
N LEU B 162 -26.80 -4.84 -10.35
CA LEU B 162 -25.89 -5.86 -10.83
C LEU B 162 -26.15 -6.28 -12.27
N MET B 163 -25.13 -6.32 -13.12
CA MET B 163 -25.29 -6.84 -14.46
C MET B 163 -25.22 -8.36 -14.37
N ILE B 164 -26.13 -9.05 -15.09
CA ILE B 164 -26.04 -10.50 -15.30
C ILE B 164 -26.19 -10.72 -16.83
N THR B 165 -25.68 -11.80 -17.36
CA THR B 165 -25.89 -12.10 -18.76
C THR B 165 -25.97 -13.62 -18.95
N ASP B 166 -26.42 -13.99 -20.12
CA ASP B 166 -26.64 -15.39 -20.39
C ASP B 166 -26.67 -15.52 -21.91
N GLY B 167 -26.09 -16.55 -22.46
CA GLY B 167 -26.09 -16.70 -23.90
C GLY B 167 -24.73 -17.14 -24.39
N SER B 168 -24.62 -17.32 -25.70
CA SER B 168 -23.41 -17.85 -26.27
C SER B 168 -22.20 -16.94 -26.18
N ALA B 169 -21.08 -17.52 -25.78
CA ALA B 169 -19.80 -16.81 -25.78
C ALA B 169 -19.46 -16.31 -27.22
N SER B 170 -19.91 -16.97 -28.29
CA SER B 170 -19.58 -16.56 -29.64
C SER B 170 -20.83 -16.19 -30.44
N GLY B 171 -21.86 -15.77 -29.72
CA GLY B 171 -23.13 -15.37 -30.30
C GLY B 171 -23.85 -14.37 -29.41
N ILE B 172 -25.18 -14.50 -29.32
CA ILE B 172 -26.00 -13.53 -28.61
C ILE B 172 -25.97 -13.77 -27.10
N SER B 173 -25.58 -12.77 -26.30
CA SER B 173 -25.64 -12.87 -24.84
C SER B 173 -26.24 -11.54 -24.35
N LYS B 174 -27.57 -11.47 -24.28
CA LYS B 174 -28.26 -10.25 -23.87
C LYS B 174 -28.26 -10.11 -22.36
N CYS B 175 -27.57 -9.10 -21.84
CA CYS B 175 -27.56 -8.92 -20.41
C CYS B 175 -28.87 -8.38 -19.81
N ARG B 176 -29.01 -8.42 -18.50
CA ARG B 176 -30.09 -7.76 -17.80
C ARG B 176 -29.43 -7.16 -16.57
N PHE B 177 -30.12 -6.29 -15.87
CA PHE B 177 -29.60 -5.76 -14.62
C PHE B 177 -30.61 -6.16 -13.55
N LEU B 178 -30.15 -6.63 -12.39
CA LEU B 178 -31.01 -6.93 -11.26
C LEU B 178 -30.87 -5.79 -10.25
N LYS B 179 -31.97 -5.37 -9.64
CA LYS B 179 -31.97 -4.33 -8.61
C LYS B 179 -32.26 -5.14 -7.34
N ILE B 180 -31.38 -5.08 -6.35
CA ILE B 180 -31.35 -5.94 -5.18
C ILE B 180 -31.38 -5.03 -3.93
N ARG B 181 -32.20 -5.32 -2.92
CA ARG B 181 -32.26 -4.48 -1.73
C ARG B 181 -32.25 -5.47 -0.57
N GLU B 182 -31.33 -5.31 0.38
CA GLU B 182 -31.12 -6.26 1.47
C GLU B 182 -31.10 -7.73 1.04
N GLY B 183 -30.39 -8.00 -0.07
CA GLY B 183 -30.24 -9.36 -0.57
C GLY B 183 -31.42 -9.89 -1.36
N ARG B 184 -32.47 -9.17 -1.73
CA ARG B 184 -33.58 -9.77 -2.49
C ARG B 184 -33.78 -8.95 -3.75
N ILE B 185 -34.07 -9.63 -4.87
CA ILE B 185 -34.24 -8.98 -6.17
C ILE B 185 -35.63 -8.33 -6.14
N ILE B 186 -35.63 -7.02 -6.23
CA ILE B 186 -36.87 -6.30 -6.28
C ILE B 186 -37.16 -5.85 -7.70
N LYS B 187 -36.25 -5.85 -8.69
CA LYS B 187 -36.62 -5.51 -10.04
C LYS B 187 -35.65 -6.11 -11.04
N GLU B 188 -36.15 -6.41 -12.24
CA GLU B 188 -35.31 -6.84 -13.36
C GLU B 188 -35.42 -5.69 -14.36
N ILE B 189 -34.30 -5.23 -14.93
CA ILE B 189 -34.19 -4.12 -15.90
C ILE B 189 -33.73 -4.71 -17.25
N PHE B 190 -34.46 -4.51 -18.34
CA PHE B 190 -34.10 -5.13 -19.61
C PHE B 190 -33.59 -4.00 -20.45
N PRO B 191 -32.30 -3.93 -20.75
CA PRO B 191 -31.70 -2.82 -21.47
C PRO B 191 -32.27 -2.72 -22.85
N THR B 192 -32.20 -1.53 -23.42
CA THR B 192 -32.61 -1.29 -24.78
C THR B 192 -31.40 -0.86 -25.61
N GLY B 193 -31.45 -0.84 -26.95
CA GLY B 193 -30.35 -0.32 -27.72
C GLY B 193 -29.54 -1.39 -28.42
N ARG B 194 -28.22 -1.35 -28.27
CA ARG B 194 -27.35 -2.26 -28.98
C ARG B 194 -27.17 -3.30 -27.91
N VAL B 195 -27.89 -4.40 -28.13
CA VAL B 195 -28.06 -5.39 -27.10
C VAL B 195 -27.59 -6.82 -27.39
N GLU B 196 -27.07 -7.09 -28.59
CA GLU B 196 -26.76 -8.46 -28.95
C GLU B 196 -25.65 -9.16 -28.18
N HIS B 197 -24.69 -8.52 -27.51
CA HIS B 197 -23.75 -9.24 -26.68
C HIS B 197 -23.11 -8.27 -25.68
N THR B 198 -23.43 -8.44 -24.40
CA THR B 198 -22.85 -7.62 -23.34
C THR B 198 -22.56 -8.55 -22.16
N GLU B 199 -21.31 -8.57 -21.73
CA GLU B 199 -20.87 -9.34 -20.58
C GLU B 199 -19.74 -8.68 -19.78
N GLU B 200 -19.45 -9.23 -18.59
CA GLU B 200 -18.43 -8.74 -17.68
C GLU B 200 -18.36 -7.20 -17.53
N CYS B 201 -19.52 -6.57 -17.38
CA CYS B 201 -19.56 -5.12 -17.23
C CYS B 201 -18.83 -4.68 -15.98
N THR B 202 -18.03 -3.62 -16.13
CA THR B 202 -17.38 -2.98 -15.00
C THR B 202 -18.21 -1.69 -14.84
N CYS B 203 -18.91 -1.55 -13.71
CA CYS B 203 -19.86 -0.45 -13.54
C CYS B 203 -19.52 0.48 -12.38
N GLY B 204 -19.91 1.74 -12.46
CA GLY B 204 -19.68 2.68 -11.38
C GLY B 204 -20.67 3.80 -11.53
N PHE B 205 -20.68 4.71 -10.56
CA PHE B 205 -21.56 5.87 -10.55
C PHE B 205 -21.01 7.11 -11.27
N ALA B 206 -21.72 7.54 -12.31
CA ALA B 206 -21.38 8.79 -12.94
C ALA B 206 -21.98 9.94 -12.12
N SER B 207 -23.06 9.72 -11.38
CA SER B 207 -23.68 10.71 -10.53
C SER B 207 -24.65 9.92 -9.64
N ASN B 208 -25.51 10.64 -8.91
CA ASN B 208 -26.57 9.99 -8.15
C ASN B 208 -27.71 9.50 -9.05
N LYS B 209 -27.66 9.73 -10.35
CA LYS B 209 -28.79 9.38 -11.18
C LYS B 209 -28.38 8.38 -12.24
N THR B 210 -27.09 8.23 -12.52
CA THR B 210 -26.64 7.35 -13.57
C THR B 210 -25.53 6.40 -13.17
N ILE B 211 -25.72 5.09 -13.44
CA ILE B 211 -24.65 4.11 -13.35
C ILE B 211 -24.17 3.89 -14.79
N GLU B 212 -22.87 3.88 -15.06
CA GLU B 212 -22.38 3.59 -16.40
C GLU B 212 -21.49 2.35 -16.31
N CYS B 213 -21.39 1.55 -17.38
CA CYS B 213 -20.61 0.36 -17.38
C CYS B 213 -19.83 0.27 -18.68
N ALA B 214 -18.57 -0.15 -18.60
CA ALA B 214 -17.80 -0.46 -19.81
C ALA B 214 -17.73 -1.99 -19.81
N CYS B 215 -18.25 -2.64 -20.87
CA CYS B 215 -18.40 -4.07 -20.86
C CYS B 215 -17.57 -4.75 -21.91
N ARG B 216 -17.71 -6.08 -22.01
CA ARG B 216 -16.97 -6.88 -22.98
C ARG B 216 -17.94 -7.43 -24.04
N ASP B 217 -17.58 -7.40 -25.31
CA ASP B 217 -18.35 -8.11 -26.33
C ASP B 217 -17.39 -9.21 -26.80
N ASN B 218 -17.74 -10.46 -26.48
CA ASN B 218 -16.87 -11.57 -26.81
C ASN B 218 -17.02 -12.12 -28.21
N SER B 219 -17.98 -11.59 -28.96
CA SER B 219 -18.36 -12.12 -30.24
C SER B 219 -18.20 -11.22 -31.45
N TYR B 220 -18.65 -9.97 -31.38
CA TYR B 220 -18.85 -9.13 -32.54
C TYR B 220 -17.94 -7.94 -32.74
N THR B 221 -17.39 -7.42 -31.66
CA THR B 221 -16.64 -6.18 -31.79
C THR B 221 -15.51 -6.08 -30.75
N ALA B 222 -14.53 -5.25 -31.10
CA ALA B 222 -13.46 -4.82 -30.20
C ALA B 222 -13.81 -3.49 -29.49
N LYS B 223 -14.97 -2.85 -29.82
CA LYS B 223 -15.47 -1.68 -29.13
C LYS B 223 -16.08 -2.16 -27.84
N ARG B 224 -16.04 -1.42 -26.73
CA ARG B 224 -16.75 -1.91 -25.55
C ARG B 224 -18.22 -1.48 -25.55
N PRO B 225 -19.20 -2.38 -25.29
CA PRO B 225 -20.59 -1.98 -25.02
C PRO B 225 -20.56 -1.06 -23.81
N PHE B 226 -21.26 0.08 -23.90
CA PHE B 226 -21.23 1.06 -22.83
C PHE B 226 -22.69 1.26 -22.41
N VAL B 227 -22.97 0.88 -21.16
CA VAL B 227 -24.31 0.96 -20.59
C VAL B 227 -24.48 2.28 -19.84
N LYS B 228 -25.66 2.89 -19.98
CA LYS B 228 -26.04 4.04 -19.16
C LYS B 228 -27.34 3.56 -18.51
N LEU B 229 -27.32 3.40 -17.20
CA LEU B 229 -28.48 2.95 -16.46
C LEU B 229 -29.02 4.10 -15.60
N ASN B 230 -30.29 4.44 -15.81
CA ASN B 230 -30.88 5.54 -15.08
C ASN B 230 -31.49 4.98 -13.80
N VAL B 231 -30.90 5.34 -12.68
CA VAL B 231 -31.30 4.85 -11.37
C VAL B 231 -32.66 5.37 -10.93
N GLU B 232 -33.06 6.54 -11.37
CA GLU B 232 -34.36 7.06 -11.01
C GLU B 232 -35.50 6.34 -11.70
N THR B 233 -35.30 5.94 -12.97
CA THR B 233 -36.36 5.27 -13.72
C THR B 233 -36.22 3.76 -13.91
N ASP B 234 -35.05 3.23 -13.51
CA ASP B 234 -34.66 1.84 -13.65
C ASP B 234 -34.81 1.31 -15.06
N THR B 235 -34.21 2.12 -15.95
CA THR B 235 -34.20 1.79 -17.37
C THR B 235 -32.76 1.80 -17.83
N ALA B 236 -32.34 1.01 -18.82
CA ALA B 236 -30.95 1.05 -19.24
C ALA B 236 -30.88 1.02 -20.76
N GLU B 237 -29.86 1.62 -21.37
CA GLU B 237 -29.68 1.63 -22.80
C GLU B 237 -28.21 1.36 -22.99
N ILE B 238 -27.93 0.62 -24.07
CA ILE B 238 -26.58 0.29 -24.38
C ILE B 238 -26.24 0.74 -25.78
N ARG B 239 -25.08 1.32 -25.97
CA ARG B 239 -24.52 1.53 -27.31
C ARG B 239 -23.01 1.28 -27.21
N LEU B 240 -22.37 0.95 -28.31
CA LEU B 240 -20.91 0.77 -28.33
C LEU B 240 -20.15 2.09 -28.11
N MET B 241 -18.98 2.03 -27.46
CA MET B 241 -18.12 3.19 -27.35
C MET B 241 -17.63 3.59 -28.74
N CYS B 242 -17.74 4.88 -29.04
CA CYS B 242 -17.31 5.36 -30.34
C CYS B 242 -15.83 5.77 -30.44
N THR B 243 -15.10 5.94 -29.30
CA THR B 243 -13.69 6.32 -29.33
C THR B 243 -12.86 5.46 -30.26
N GLU B 244 -11.94 6.09 -30.99
CA GLU B 244 -11.05 5.33 -31.84
C GLU B 244 -10.07 4.51 -30.99
N THR B 245 -9.98 4.72 -29.67
CA THR B 245 -9.05 3.97 -28.84
C THR B 245 -9.75 2.69 -28.34
N TYR B 246 -9.90 1.68 -29.19
CA TYR B 246 -10.63 0.44 -28.88
C TYR B 246 -10.06 -0.18 -27.60
N LEU B 247 -10.93 -0.49 -26.63
CA LEU B 247 -10.45 -0.95 -25.33
C LEU B 247 -10.45 -2.44 -25.11
N ASP B 248 -10.99 -3.22 -26.03
CA ASP B 248 -10.98 -4.66 -25.87
C ASP B 248 -9.66 -5.27 -26.30
N THR B 249 -9.46 -6.57 -26.00
CA THR B 249 -8.33 -7.35 -26.50
C THR B 249 -8.92 -8.70 -26.90
N PRO B 250 -8.78 -9.19 -28.14
CA PRO B 250 -8.03 -8.56 -29.22
C PRO B 250 -8.74 -7.34 -29.83
N ARG B 251 -7.98 -6.53 -30.61
CA ARG B 251 -8.55 -5.35 -31.24
C ARG B 251 -7.74 -5.06 -32.51
N PRO B 252 -8.34 -4.34 -33.50
CA PRO B 252 -7.61 -3.77 -34.64
C PRO B 252 -6.84 -2.53 -34.19
N ASP B 253 -6.04 -1.97 -35.10
CA ASP B 253 -5.35 -0.70 -34.84
C ASP B 253 -6.34 0.39 -34.53
N ASP B 254 -5.97 1.25 -33.59
CA ASP B 254 -6.81 2.37 -33.27
C ASP B 254 -7.23 3.15 -34.49
N GLY B 255 -8.52 3.45 -34.52
CA GLY B 255 -9.08 4.30 -35.55
C GLY B 255 -9.29 3.62 -36.88
N SER B 256 -9.01 2.31 -37.03
CA SER B 256 -9.17 1.64 -38.31
C SER B 256 -10.62 1.21 -38.57
N ILE B 257 -11.53 1.31 -37.60
CA ILE B 257 -12.89 0.90 -37.86
C ILE B 257 -13.67 2.09 -38.43
N THR B 258 -13.91 1.91 -39.72
CA THR B 258 -14.64 2.82 -40.60
C THR B 258 -16.17 2.83 -40.38
N GLY B 259 -16.87 3.87 -40.81
CA GLY B 259 -18.33 3.88 -40.73
C GLY B 259 -18.81 4.51 -39.45
N PRO B 260 -20.11 4.56 -39.15
CA PRO B 260 -20.63 5.21 -37.97
C PRO B 260 -20.17 4.56 -36.65
N CYS B 261 -20.34 5.27 -35.51
CA CYS B 261 -19.98 4.80 -34.15
C CYS B 261 -20.41 3.37 -33.83
N GLU B 262 -21.59 2.97 -34.29
CA GLU B 262 -22.11 1.65 -34.01
C GLU B 262 -21.43 0.58 -34.86
N SER B 263 -20.56 0.85 -35.86
CA SER B 263 -20.01 -0.22 -36.70
C SER B 263 -19.18 -1.19 -35.88
N ASN B 264 -19.40 -2.48 -36.07
CA ASN B 264 -18.70 -3.53 -35.31
C ASN B 264 -17.20 -3.61 -35.56
N GLY B 265 -16.75 -3.49 -36.79
CA GLY B 265 -15.32 -3.59 -37.07
C GLY B 265 -14.86 -5.03 -37.04
N ASP B 266 -13.59 -5.17 -37.29
CA ASP B 266 -12.95 -6.46 -37.38
C ASP B 266 -12.29 -6.86 -36.08
N LYS B 267 -11.81 -8.11 -35.95
CA LYS B 267 -11.16 -8.67 -34.77
C LYS B 267 -11.99 -8.58 -33.48
N GLY B 268 -13.29 -8.75 -33.68
CA GLY B 268 -14.27 -8.67 -32.63
C GLY B 268 -14.35 -9.94 -31.78
N ARG B 269 -14.04 -11.11 -32.31
CA ARG B 269 -14.13 -12.33 -31.54
C ARG B 269 -13.09 -12.36 -30.42
N GLY B 270 -13.49 -12.90 -29.27
CA GLY B 270 -12.63 -12.85 -28.12
C GLY B 270 -12.89 -11.55 -27.36
N GLY B 271 -12.21 -11.42 -26.23
CA GLY B 271 -12.43 -10.26 -25.37
C GLY B 271 -11.67 -10.32 -24.03
N ILE B 272 -11.83 -9.25 -23.28
CA ILE B 272 -11.27 -9.16 -21.95
C ILE B 272 -12.08 -8.17 -21.10
N LYS B 273 -12.24 -8.47 -19.80
CA LYS B 273 -12.89 -7.51 -18.91
C LYS B 273 -11.97 -6.31 -18.75
N GLY B 274 -12.52 -5.11 -18.78
CA GLY B 274 -11.70 -3.91 -18.76
C GLY B 274 -12.02 -3.00 -17.59
N GLY B 275 -10.96 -2.34 -17.12
CA GLY B 275 -11.01 -1.35 -16.06
C GLY B 275 -11.71 -0.08 -16.51
N PHE B 276 -12.52 0.50 -15.63
CA PHE B 276 -13.24 1.72 -15.90
C PHE B 276 -13.62 2.30 -14.54
N VAL B 277 -13.31 3.58 -14.25
CA VAL B 277 -13.78 4.16 -13.02
C VAL B 277 -14.02 5.66 -13.28
N HIS B 278 -14.91 6.24 -12.49
CA HIS B 278 -15.28 7.63 -12.63
C HIS B 278 -14.56 8.54 -11.64
N GLN B 279 -14.25 9.75 -12.09
CA GLN B 279 -13.77 10.80 -11.21
C GLN B 279 -14.83 11.88 -11.33
N ARG B 280 -15.64 12.01 -10.29
CA ARG B 280 -16.72 12.98 -10.26
C ARG B 280 -16.30 14.30 -9.62
N MET B 281 -16.31 15.35 -10.43
CA MET B 281 -16.00 16.71 -9.96
C MET B 281 -17.28 17.52 -10.07
N ALA B 282 -17.30 18.74 -9.54
CA ALA B 282 -18.52 19.55 -9.51
C ALA B 282 -19.08 19.86 -10.88
N SER B 283 -18.21 20.16 -11.82
CA SER B 283 -18.67 20.58 -13.14
C SER B 283 -18.17 19.71 -14.29
N LYS B 284 -17.47 18.61 -13.98
CA LYS B 284 -16.75 17.83 -14.97
C LYS B 284 -16.74 16.38 -14.50
N ILE B 285 -16.73 15.44 -15.42
CA ILE B 285 -16.56 14.05 -15.07
C ILE B 285 -15.41 13.46 -15.89
N GLY B 286 -14.47 12.80 -15.20
CA GLY B 286 -13.41 12.09 -15.86
C GLY B 286 -13.78 10.62 -15.91
N ARG B 287 -13.54 9.96 -17.05
CA ARG B 287 -13.78 8.53 -17.15
C ARG B 287 -12.40 7.95 -17.39
N TRP B 288 -11.92 7.13 -16.48
CA TRP B 288 -10.61 6.52 -16.56
C TRP B 288 -10.84 5.08 -17.04
N TYR B 289 -9.99 4.60 -17.97
CA TYR B 289 -10.08 3.29 -18.60
C TYR B 289 -8.70 2.64 -18.65
N SER B 290 -8.63 1.28 -18.66
CA SER B 290 -7.37 0.57 -18.84
C SER B 290 -7.52 -0.44 -19.97
N ARG B 291 -6.46 -0.69 -20.74
CA ARG B 291 -6.50 -1.69 -21.77
C ARG B 291 -5.10 -2.26 -21.89
N THR B 292 -4.97 -3.54 -22.36
CA THR B 292 -3.65 -4.15 -22.51
C THR B 292 -2.74 -3.36 -23.46
N MET B 293 -1.44 -3.46 -23.30
CA MET B 293 -0.53 -2.81 -24.19
C MET B 293 -0.58 -3.54 -25.53
N SER B 294 -0.55 -4.89 -25.52
CA SER B 294 -0.63 -5.69 -26.72
C SER B 294 -2.05 -5.65 -27.30
N LYS B 295 -2.15 -5.56 -28.61
CA LYS B 295 -3.44 -5.53 -29.30
C LYS B 295 -4.06 -6.89 -29.34
N THR B 296 -3.28 -7.96 -29.20
CA THR B 296 -3.86 -9.27 -29.30
C THR B 296 -3.63 -10.18 -28.12
N GLU B 297 -2.72 -9.84 -27.21
CA GLU B 297 -2.41 -10.71 -26.10
C GLU B 297 -2.59 -10.03 -24.76
N ARG B 298 -2.72 -10.82 -23.68
CA ARG B 298 -2.98 -10.24 -22.36
C ARG B 298 -1.65 -9.88 -21.73
N MET B 299 -1.02 -8.86 -22.29
CA MET B 299 0.31 -8.40 -21.87
C MET B 299 0.30 -6.90 -21.76
N GLY B 300 0.82 -6.39 -20.64
CA GLY B 300 0.90 -4.96 -20.44
C GLY B 300 -0.43 -4.34 -20.05
N MET B 301 -0.44 -3.10 -19.58
CA MET B 301 -1.69 -2.42 -19.25
C MET B 301 -1.40 -0.93 -19.15
N GLU B 302 -2.18 -0.14 -19.85
CA GLU B 302 -2.00 1.29 -19.77
C GLU B 302 -3.33 1.93 -19.54
N LEU B 303 -3.17 3.17 -19.06
CA LEU B 303 -4.27 3.96 -18.54
C LEU B 303 -4.62 5.08 -19.53
N TYR B 304 -5.90 5.40 -19.62
CA TYR B 304 -6.42 6.43 -20.50
C TYR B 304 -7.49 7.18 -19.74
N VAL B 305 -7.73 8.42 -20.20
CA VAL B 305 -8.74 9.26 -19.58
C VAL B 305 -9.38 10.15 -20.63
N ARG B 306 -10.65 10.45 -20.38
CA ARG B 306 -11.33 11.47 -21.14
C ARG B 306 -12.29 12.16 -20.20
N TYR B 307 -12.34 13.49 -20.31
CA TYR B 307 -13.24 14.29 -19.54
C TYR B 307 -14.39 14.72 -20.42
N ASP B 308 -15.55 14.50 -19.82
CA ASP B 308 -16.85 14.84 -20.33
C ASP B 308 -17.15 14.21 -21.66
N GLY B 309 -17.99 14.84 -22.50
CA GLY B 309 -18.39 14.26 -23.78
C GLY B 309 -19.39 13.13 -23.56
N ASP B 310 -19.72 12.44 -24.65
CA ASP B 310 -20.61 11.31 -24.57
C ASP B 310 -19.85 10.17 -25.20
N PRO B 311 -19.55 9.12 -24.41
CA PRO B 311 -18.89 7.91 -24.93
C PRO B 311 -19.55 7.30 -26.19
N TRP B 312 -20.89 7.39 -26.28
CA TRP B 312 -21.61 6.79 -27.40
C TRP B 312 -21.38 7.53 -28.72
N THR B 313 -21.02 8.81 -28.71
CA THR B 313 -20.87 9.57 -29.94
C THR B 313 -19.50 10.17 -30.15
N ASP B 314 -18.67 10.22 -29.11
CA ASP B 314 -17.35 10.79 -29.23
C ASP B 314 -16.37 9.85 -29.91
N SER B 315 -15.89 10.16 -31.12
CA SER B 315 -14.91 9.31 -31.78
C SER B 315 -13.46 9.57 -31.39
N ASP B 316 -13.24 10.69 -30.69
CA ASP B 316 -11.90 11.11 -30.33
C ASP B 316 -11.14 10.08 -29.55
N ALA B 317 -9.85 10.06 -29.82
CA ALA B 317 -8.95 9.21 -29.07
C ALA B 317 -8.95 9.60 -27.60
N LEU B 318 -8.80 8.62 -26.72
CA LEU B 318 -8.71 8.90 -25.29
C LEU B 318 -7.27 9.36 -25.02
N ALA B 319 -7.00 10.06 -23.90
CA ALA B 319 -5.65 10.54 -23.61
C ALA B 319 -4.89 9.48 -22.84
N HIS B 320 -3.79 9.05 -23.44
CA HIS B 320 -2.91 8.11 -22.80
C HIS B 320 -2.42 8.68 -21.47
N SER B 321 -2.66 8.02 -20.35
CA SER B 321 -2.21 8.52 -19.06
C SER B 321 -1.24 7.66 -18.25
N GLY B 322 -0.44 6.82 -18.91
CA GLY B 322 0.65 6.14 -18.20
C GLY B 322 0.64 4.62 -18.43
N VAL B 323 1.78 3.96 -18.21
CA VAL B 323 1.96 2.53 -18.36
C VAL B 323 1.92 1.98 -16.95
N MET B 324 0.91 1.18 -16.69
CA MET B 324 0.80 0.60 -15.36
C MET B 324 1.56 -0.71 -15.33
N VAL B 325 1.51 -1.47 -16.44
CA VAL B 325 2.21 -2.75 -16.53
C VAL B 325 2.92 -2.75 -17.88
N SER B 326 4.22 -3.08 -17.88
CA SER B 326 4.96 -3.10 -19.10
C SER B 326 4.54 -4.28 -19.99
N MET B 327 4.91 -4.26 -21.27
CA MET B 327 4.63 -5.34 -22.25
C MET B 327 5.12 -6.74 -21.84
N LYS B 328 6.14 -6.68 -21.00
CA LYS B 328 6.87 -7.80 -20.44
C LYS B 328 6.06 -8.62 -19.43
N GLU B 329 5.11 -7.94 -18.83
CA GLU B 329 4.34 -8.49 -17.74
C GLU B 329 2.90 -8.78 -18.13
N PRO B 330 2.23 -9.74 -17.45
CA PRO B 330 0.87 -10.14 -17.75
C PRO B 330 -0.14 -9.06 -17.38
N GLY B 331 -1.07 -8.81 -18.26
CA GLY B 331 -2.08 -7.81 -17.98
C GLY B 331 -3.38 -8.50 -18.36
N TRP B 332 -4.11 -9.04 -17.40
CA TRP B 332 -5.32 -9.76 -17.75
C TRP B 332 -6.56 -8.93 -17.39
N TYR B 333 -7.52 -9.37 -16.58
CA TYR B 333 -8.72 -8.59 -16.30
C TYR B 333 -8.36 -7.33 -15.51
N SER B 334 -9.08 -6.23 -15.69
CA SER B 334 -8.89 -5.06 -14.84
C SER B 334 -10.29 -4.58 -14.50
N PHE B 335 -10.37 -3.76 -13.44
CA PHE B 335 -11.68 -3.43 -12.88
C PHE B 335 -11.57 -2.10 -12.14
N GLY B 336 -12.64 -1.36 -11.98
CA GLY B 336 -12.56 -0.17 -11.15
C GLY B 336 -13.20 -0.41 -9.79
N PHE B 337 -12.87 0.45 -8.81
CA PHE B 337 -13.52 0.44 -7.49
C PHE B 337 -13.16 1.78 -6.86
N GLU B 338 -13.81 2.13 -5.76
CA GLU B 338 -13.56 3.41 -5.13
C GLU B 338 -13.38 3.17 -3.64
N ILE B 339 -12.38 3.78 -3.05
CA ILE B 339 -12.16 3.74 -1.61
C ILE B 339 -12.86 4.93 -0.96
N LYS B 340 -13.53 4.80 0.18
CA LYS B 340 -14.20 5.94 0.81
C LYS B 340 -13.24 6.66 1.76
N ASP B 341 -12.87 7.91 1.46
CA ASP B 341 -12.14 8.73 2.41
C ASP B 341 -13.22 9.39 3.27
N LYS B 342 -12.82 10.22 4.22
CA LYS B 342 -13.74 10.89 5.14
C LYS B 342 -14.83 11.63 4.44
N LYS B 343 -14.48 12.43 3.46
CA LYS B 343 -15.42 13.30 2.80
C LYS B 343 -15.50 13.07 1.31
N CYS B 344 -14.65 12.22 0.74
CA CYS B 344 -14.69 12.11 -0.71
C CYS B 344 -14.33 10.69 -1.12
N ASP B 345 -14.61 10.32 -2.38
CA ASP B 345 -14.34 8.98 -2.85
C ASP B 345 -13.06 8.95 -3.68
N VAL B 346 -12.19 7.96 -3.47
CA VAL B 346 -10.95 7.81 -4.20
C VAL B 346 -11.11 6.76 -5.33
N PRO B 347 -11.04 7.07 -6.62
CA PRO B 347 -11.19 6.07 -7.68
C PRO B 347 -9.84 5.34 -7.89
N CYS B 348 -9.94 4.05 -8.16
CA CYS B 348 -8.83 3.17 -8.40
C CYS B 348 -9.16 2.19 -9.49
N ILE B 349 -8.09 1.64 -10.06
CA ILE B 349 -8.20 0.57 -11.04
C ILE B 349 -7.28 -0.52 -10.51
N GLY B 350 -7.79 -1.72 -10.49
CA GLY B 350 -7.00 -2.89 -10.10
C GLY B 350 -6.74 -3.73 -11.34
N ILE B 351 -5.64 -4.49 -11.39
CA ILE B 351 -5.24 -5.29 -12.55
C ILE B 351 -4.91 -6.71 -12.08
N GLU B 352 -5.57 -7.68 -12.68
CA GLU B 352 -5.24 -9.08 -12.50
C GLU B 352 -4.02 -9.41 -13.36
N MET B 353 -2.94 -9.89 -12.75
CA MET B 353 -1.70 -10.21 -13.45
C MET B 353 -1.56 -11.71 -13.33
N VAL B 354 -2.07 -12.45 -14.30
CA VAL B 354 -2.10 -13.91 -14.22
C VAL B 354 -0.73 -14.51 -14.53
N HIS B 355 -0.38 -15.50 -13.70
CA HIS B 355 0.82 -16.35 -13.83
C HIS B 355 0.41 -17.50 -14.76
N ASP B 356 0.67 -17.46 -16.05
CA ASP B 356 0.18 -18.50 -16.92
C ASP B 356 1.34 -19.34 -17.40
N GLY B 357 1.42 -20.57 -16.94
CA GLY B 357 2.45 -21.45 -17.44
C GLY B 357 1.78 -22.51 -18.28
N GLY B 358 0.58 -22.28 -18.78
CA GLY B 358 -0.15 -23.34 -19.46
C GLY B 358 -0.76 -24.35 -18.47
N LYS B 359 -1.49 -25.23 -19.13
CA LYS B 359 -2.30 -26.28 -18.55
C LYS B 359 -1.55 -27.37 -17.76
N LYS B 360 -0.22 -27.39 -17.87
CA LYS B 360 0.65 -28.34 -17.19
C LYS B 360 1.06 -27.92 -15.78
N THR B 361 0.73 -26.72 -15.34
CA THR B 361 1.13 -26.31 -14.01
C THR B 361 0.00 -25.47 -13.39
N TRP B 362 0.25 -24.87 -12.22
CA TRP B 362 -0.74 -24.04 -11.54
C TRP B 362 -1.01 -22.77 -12.37
N HIS B 363 -2.19 -22.19 -12.25
CA HIS B 363 -2.58 -20.99 -12.98
C HIS B 363 -3.21 -20.08 -11.91
N SER B 364 -2.64 -18.94 -11.55
CA SER B 364 -3.26 -18.06 -10.57
C SER B 364 -2.89 -16.61 -10.91
N ALA B 365 -3.03 -15.66 -9.98
CA ALA B 365 -2.89 -14.24 -10.30
C ALA B 365 -2.50 -13.36 -9.13
N ALA B 366 -1.73 -12.32 -9.47
CA ALA B 366 -1.41 -11.25 -8.53
C ALA B 366 -2.42 -10.14 -8.87
N THR B 367 -2.63 -9.17 -7.96
CA THR B 367 -3.55 -8.04 -8.16
C THR B 367 -2.74 -6.78 -7.91
N ALA B 368 -2.68 -5.88 -8.90
CA ALA B 368 -1.95 -4.60 -8.77
C ALA B 368 -2.99 -3.49 -8.64
N ILE B 369 -2.74 -2.45 -7.86
CA ILE B 369 -3.69 -1.38 -7.63
C ILE B 369 -3.04 0.00 -7.89
N TYR B 370 -3.71 0.79 -8.71
CA TYR B 370 -3.38 2.18 -9.04
C TYR B 370 -4.55 3.05 -8.62
N CYS B 371 -4.33 4.16 -7.88
CA CYS B 371 -5.44 5.05 -7.52
C CYS B 371 -5.10 6.49 -7.87
N LEU B 372 -6.15 7.31 -8.05
CA LEU B 372 -6.02 8.75 -8.26
C LEU B 372 -5.30 9.27 -7.01
N MET B 373 -4.19 9.99 -7.21
CA MET B 373 -3.32 10.40 -6.13
C MET B 373 -2.55 11.65 -6.52
N GLY B 374 -2.83 12.84 -5.95
CA GLY B 374 -2.10 14.08 -6.23
C GLY B 374 -2.10 14.47 -7.69
N SER B 375 -1.02 15.13 -8.13
CA SER B 375 -0.97 15.70 -9.46
C SER B 375 0.26 15.31 -10.25
N GLY B 376 0.40 15.73 -11.51
CA GLY B 376 1.62 15.42 -12.24
C GLY B 376 1.31 14.31 -13.20
N GLN B 377 2.20 13.36 -13.35
CA GLN B 377 1.96 12.22 -14.21
C GLN B 377 2.31 10.89 -13.51
N LEU B 378 1.82 9.75 -14.05
CA LEU B 378 1.99 8.42 -13.44
C LEU B 378 3.45 8.08 -13.49
N LEU B 379 4.06 7.67 -12.38
CA LEU B 379 5.49 7.46 -12.40
C LEU B 379 6.02 6.05 -12.51
N TRP B 380 5.36 4.98 -12.04
CA TRP B 380 6.05 3.69 -12.10
C TRP B 380 5.10 2.56 -12.41
N ASP B 381 5.70 1.50 -12.94
CA ASP B 381 4.98 0.30 -13.34
C ASP B 381 5.08 -0.80 -12.28
N THR B 382 4.26 -1.83 -12.46
CA THR B 382 4.20 -2.94 -11.55
C THR B 382 4.71 -4.25 -12.15
N VAL B 383 5.57 -5.01 -11.45
CA VAL B 383 5.95 -6.37 -11.88
C VAL B 383 5.46 -7.35 -10.79
N THR B 384 5.18 -8.64 -11.07
CA THR B 384 4.71 -9.53 -10.01
C THR B 384 5.86 -10.07 -9.15
N GLY B 385 7.05 -10.18 -9.77
CA GLY B 385 8.25 -10.71 -9.16
C GLY B 385 8.23 -12.23 -8.99
N VAL B 386 7.32 -12.96 -9.64
CA VAL B 386 7.15 -14.39 -9.43
C VAL B 386 7.90 -15.21 -10.48
N ASP B 387 8.66 -16.17 -10.00
CA ASP B 387 9.27 -17.13 -10.90
C ASP B 387 8.40 -18.36 -10.70
N MET B 388 7.62 -18.76 -11.73
CA MET B 388 6.72 -19.90 -11.62
C MET B 388 7.38 -21.24 -11.46
N ALA B 389 8.70 -21.33 -11.60
CA ALA B 389 9.36 -22.62 -11.44
C ALA B 389 9.68 -22.94 -10.00
N LEU B 390 9.56 -22.00 -9.08
CA LEU B 390 9.97 -22.26 -7.71
C LEU B 390 8.89 -22.97 -6.91
C1 NAG C . 0.42 19.75 25.65
C2 NAG C . 0.71 19.41 27.12
C3 NAG C . -0.46 18.56 27.67
C4 NAG C . -1.79 19.33 27.50
C5 NAG C . -2.01 19.60 26.00
C6 NAG C . -3.31 20.40 25.68
C7 NAG C . 3.13 19.11 27.62
C8 NAG C . 4.39 18.28 27.50
N2 NAG C . 1.97 18.66 27.17
O3 NAG C . -0.31 18.22 29.04
O4 NAG C . -2.84 18.56 28.07
O5 NAG C . -0.88 20.34 25.50
O6 NAG C . -3.22 20.96 24.38
O7 NAG C . 3.18 20.21 28.16
H1 NAG C . 0.44 18.83 25.04
H2 NAG C . 0.77 20.34 27.70
H3 NAG C . -0.51 17.63 27.08
H4 NAG C . -1.72 20.29 28.03
H5 NAG C . -2.06 18.65 25.45
H61 NAG C . -3.49 21.18 26.43
H62 NAG C . -4.17 19.72 25.72
H81 NAG C . 4.49 17.61 28.37
H82 NAG C . 5.27 18.93 27.47
H83 NAG C . 4.38 17.70 26.57
HN2 NAG C . 1.92 17.73 26.86
HO3 NAG C . -0.16 19.04 29.53
HO4 NAG C . -2.42 17.90 28.65
HO6 NAG C . -2.31 21.29 24.26
CA CA D . 28.33 11.02 8.26
CA CA E . -0.93 -19.32 10.04
C1 DAN F . 21.83 2.27 4.67
C2 DAN F . 20.69 2.83 3.87
C3 DAN F . 19.40 2.10 3.72
C4 DAN F . 18.23 2.82 3.09
C5 DAN F . 18.77 3.84 2.06
C6 DAN F . 19.81 4.81 2.73
C7 DAN F . 20.47 5.83 1.74
C8 DAN F . 21.45 6.74 2.48
C9 DAN F . 22.03 7.87 1.59
C10 DAN F . 17.21 4.81 0.38
C11 DAN F . 15.98 5.66 0.19
N5 DAN F . 17.59 4.63 1.64
O1A DAN F . 22.80 3.00 4.94
O1B DAN F . 21.73 1.18 5.25
O4 DAN F . 17.42 1.87 2.44
O6 DAN F . 20.92 4.09 3.26
O7 DAN F . 21.20 5.10 0.79
O8 DAN F . 20.73 7.28 3.56
O9 DAN F . 21.04 8.76 1.14
O10 DAN F . 17.82 4.32 -0.59
H3 DAN F . 19.40 1.03 3.77
H4 DAN F . 17.66 3.34 3.88
H5 DAN F . 19.24 3.32 1.22
H6 DAN F . 19.30 5.34 3.54
H7 DAN F . 19.70 6.43 1.24
H8 DAN F . 22.29 6.15 2.87
H91 DAN F . 22.55 7.39 0.73
H92 DAN F . 22.78 8.44 2.14
H111 DAN F . 15.92 6.44 0.97
H112 DAN F . 15.08 5.03 0.25
H113 DAN F . 15.98 6.16 -0.79
HN5 DAN F . 17.02 5.00 2.34
HO4 DAN F . 16.87 2.31 1.77
HO7 DAN F . 21.50 4.28 1.22
HO8 DAN F . 21.02 8.19 3.70
HO9 DAN F . 20.48 8.95 1.91
C1 NAG G . -25.61 12.05 -3.79
C2 NAG G . -24.67 13.23 -3.68
C3 NAG G . -24.24 13.40 -2.23
C4 NAG G . -25.49 13.62 -1.36
C5 NAG G . -26.45 12.43 -1.49
C6 NAG G . -27.77 12.74 -0.80
C7 NAG G . -23.32 13.38 -5.74
C8 NAG G . -22.13 12.93 -6.59
N2 NAG G . -23.51 12.91 -4.51
O3 NAG G . -23.36 14.50 -2.10
O4 NAG G . -25.14 13.83 0.01
O5 NAG G . -26.73 12.15 -2.88
O6 NAG G . -28.72 11.77 -1.19
O7 NAG G . -24.11 14.20 -6.20
H1 NAG G . -25.08 11.12 -3.53
H2 NAG G . -25.17 14.15 -4.01
H3 NAG G . -23.74 12.47 -1.89
H4 NAG G . -25.99 14.54 -1.72
H5 NAG G . -26.00 11.53 -1.04
H61 NAG G . -28.13 13.75 -1.08
H62 NAG G . -27.65 12.74 0.29
H81 NAG G . -22.23 13.29 -7.62
H82 NAG G . -22.07 11.83 -6.61
H83 NAG G . -21.19 13.34 -6.17
HN2 NAG G . -22.87 12.28 -4.15
HO3 NAG G . -22.61 14.22 -1.58
HO4 NAG G . -24.41 14.46 -0.01
HO6 NAG G . -28.45 11.45 -2.07
CA CA H . -14.38 -8.56 -28.55
C1 DAN I . -11.40 -15.31 -19.87
C2 DAN I . -12.64 -15.77 -19.17
C3 DAN I . -12.64 -16.18 -17.75
C4 DAN I . -13.96 -16.40 -17.03
C5 DAN I . -15.00 -16.88 -18.06
C6 DAN I . -15.10 -15.90 -19.27
C7 DAN I . -16.07 -16.35 -20.41
C8 DAN I . -16.09 -15.29 -21.53
C9 DAN I . -17.15 -15.63 -22.64
C10 DAN I . -17.12 -17.93 -17.26
C11 DAN I . -18.39 -17.67 -16.49
N5 DAN I . -16.30 -16.90 -17.36
O1A DAN I . -11.48 -14.81 -21.00
O1B DAN I . -10.31 -15.33 -19.29
O4 DAN I . -13.80 -17.34 -16.01
O6 DAN I . -13.83 -15.75 -19.94
O7 DAN I . -15.55 -17.55 -20.97
O8 DAN I . -16.38 -14.05 -20.93
O9 DAN I . -18.45 -15.62 -22.10
O10 DAN I . -16.86 -19.03 -17.77
H3 DAN I . -11.74 -16.62 -17.33
H4 DAN I . -14.28 -15.44 -16.59
H5 DAN I . -14.72 -17.89 -18.43
H6 DAN I . -15.39 -14.91 -18.88
H7 DAN I . -17.09 -16.51 -20.02
H8 DAN I . -15.12 -15.24 -22.02
H91 DAN I . -16.92 -16.62 -23.05
H92 DAN I . -17.09 -14.89 -23.45
H111 DAN I . -18.72 -16.62 -16.60
H112 DAN I . -18.21 -17.87 -15.43
H113 DAN I . -19.19 -18.33 -16.83
HN5 DAN I . -16.53 -16.08 -16.85
HO4 DAN I . -14.64 -17.77 -15.81
HO7 DAN I . -14.59 -17.53 -20.85
HO8 DAN I . -16.97 -13.55 -21.51
HO9 DAN I . -18.53 -14.81 -21.57
#